data_3E7I
#
_entry.id   3E7I
#
_cell.length_a   213.967
_cell.length_b   213.967
_cell.length_c   113.130
_cell.angle_alpha   90.000
_cell.angle_beta   90.000
_cell.angle_gamma   120.000
#
_symmetry.space_group_name_H-M   'P 61 2 2'
#
loop_
_entity.id
_entity.type
_entity.pdbx_description
1 polymer 'Nitric oxide synthase, inducible'
2 non-polymer 'SULFATE ION'
3 non-polymer 'ZINC ION'
4 non-polymer 'PROTOPORPHYRIN IX CONTAINING FE'
5 non-polymer 5,6,7,8-TETRAHYDROBIOPTERIN
6 non-polymer (2R)-5-FLUORO-2-(2-THIENYL)-1,2-DIHYDROQUINAZOLIN-4-AMINE
7 water water
#
_entity_poly.entity_id   1
_entity_poly.type   'polypeptide(L)'
_entity_poly.pdbx_seq_one_letter_code
;LDKLHVTSTRPQYVRIKNWGSGEILHDTLHHKATSDFTCKSKSCLGSIMNPKSLTRGPRDKPTPLEELLPHAIEFINQYY
GSFKEAKIEEHLARLEAVTKEIETTGTYQLTLDELIFATKMAWRNAPRCIGRIQWSNLQVFDARNCSTAQEMFQHICRHI
LYATNNGNIRSAITVFPQRSDGKHDFRLWNSQLIRYAGYQMPDGTIRGDAATLEFTQLCIDLGWKPRYGRFDVLPLVLQA
DGQDPEVFEIPPDLVLEVTMEHPKYEWFQELGLKWYALPAVANMLLEVGGLEFPACPFNGWYMGTEIGVRDFCDTQRYNI
LEEVGRRMGLETHTLASLWKDRAVTEINVAVLHSFQKQNVTIMDHHTASESFMKHMQNEYRARGGCPADWIWLVPPVSGS
ITPVFHQEMLNYVLSPFYYYQIEPWKTHIWQNE
;
_entity_poly.pdbx_strand_id   A,B
#
# COMPACT_ATOMS: atom_id res chain seq x y z
N GLN A 12 25.85 21.35 11.55
CA GLN A 12 25.07 21.84 12.72
C GLN A 12 24.95 20.80 13.83
N TYR A 13 24.26 19.71 13.55
CA TYR A 13 24.11 18.65 14.55
C TYR A 13 24.16 17.26 13.92
N VAL A 14 24.61 16.28 14.69
CA VAL A 14 24.69 14.91 14.18
C VAL A 14 23.55 14.08 14.74
N ARG A 15 22.98 13.25 13.88
CA ARG A 15 21.86 12.38 14.24
C ARG A 15 22.42 11.09 14.82
N ILE A 16 21.78 10.59 15.88
CA ILE A 16 22.23 9.36 16.51
C ILE A 16 21.04 8.42 16.70
N LYS A 17 21.18 7.20 16.20
CA LYS A 17 20.09 6.25 16.29
C LYS A 17 20.33 5.12 17.27
N ASN A 18 19.29 4.75 18.01
CA ASN A 18 19.41 3.63 18.93
C ASN A 18 18.62 2.48 18.34
N TRP A 19 19.28 1.69 17.51
CA TRP A 19 18.66 0.57 16.83
C TRP A 19 17.85 -0.38 17.67
N GLY A 20 17.63 -0.05 18.93
CA GLY A 20 16.85 -0.92 19.78
C GLY A 20 15.47 -0.34 19.89
N SER A 21 15.42 0.87 20.44
CA SER A 21 14.18 1.61 20.62
C SER A 21 13.95 2.39 19.33
N GLY A 22 14.96 2.37 18.47
CA GLY A 22 14.87 3.09 17.22
C GLY A 22 14.66 4.56 17.48
N GLU A 23 15.02 5.01 18.68
CA GLU A 23 14.85 6.41 19.00
C GLU A 23 15.99 7.22 18.38
N ILE A 24 15.79 8.52 18.28
CA ILE A 24 16.80 9.39 17.69
C ILE A 24 17.23 10.49 18.64
N LEU A 25 18.37 11.10 18.34
CA LEU A 25 18.91 12.18 19.15
C LEU A 25 19.73 13.11 18.28
N HIS A 26 19.85 14.38 18.69
CA HIS A 26 20.62 15.36 17.95
C HIS A 26 21.77 15.82 18.84
N ASP A 27 23.00 15.48 18.46
CA ASP A 27 24.15 15.87 19.26
C ASP A 27 24.68 17.26 18.91
N THR A 28 24.41 18.21 19.80
CA THR A 28 24.86 19.60 19.62
C THR A 28 26.21 19.77 20.30
N LEU A 29 26.25 19.34 21.55
CA LEU A 29 27.41 19.40 22.45
C LEU A 29 28.80 19.18 21.83
N HIS A 30 28.90 18.24 20.91
CA HIS A 30 30.20 17.92 20.29
C HIS A 30 30.93 19.09 19.65
N HIS A 31 30.24 20.22 19.51
CA HIS A 31 30.85 21.41 18.91
C HIS A 31 31.83 22.07 19.85
N LYS A 32 31.58 21.89 21.15
CA LYS A 32 32.43 22.45 22.19
C LYS A 32 33.65 21.54 22.33
N ALA A 33 33.78 20.64 21.37
CA ALA A 33 34.89 19.69 21.32
C ALA A 33 36.17 20.50 21.40
N THR A 34 36.98 20.21 22.40
CA THR A 34 38.21 20.94 22.62
C THR A 34 39.06 21.11 21.36
N SER A 35 40.06 20.27 21.19
CA SER A 35 40.95 20.40 20.06
C SER A 35 40.92 19.22 19.09
N ASP A 36 41.95 18.38 19.18
CA ASP A 36 42.10 17.21 18.32
C ASP A 36 41.86 15.91 19.07
N PHE A 37 41.40 14.90 18.33
CA PHE A 37 41.12 13.59 18.91
C PHE A 37 42.13 12.55 18.41
N THR A 38 41.72 11.28 18.41
CA THR A 38 42.59 10.18 18.00
C THR A 38 42.70 10.04 16.47
N CYS A 39 41.78 10.65 15.73
CA CYS A 39 41.79 10.58 14.28
C CYS A 39 41.19 11.84 13.63
N LYS A 40 40.08 12.33 14.19
CA LYS A 40 39.39 13.53 13.69
C LYS A 40 39.60 14.74 14.62
N SER A 41 39.38 15.94 14.09
CA SER A 41 39.52 17.17 14.88
C SER A 41 38.44 17.15 15.96
N LYS A 42 38.67 16.31 16.98
CA LYS A 42 37.77 16.13 18.10
C LYS A 42 36.35 15.75 17.66
N SER A 43 36.13 14.44 17.55
CA SER A 43 34.86 13.85 17.16
C SER A 43 35.14 12.46 16.58
N CYS A 44 34.43 11.46 17.07
CA CYS A 44 34.60 10.10 16.58
C CYS A 44 33.22 9.51 16.33
N LEU A 45 33.02 9.02 15.12
CA LEU A 45 31.74 8.43 14.71
C LEU A 45 31.89 6.94 14.38
N GLY A 46 32.85 6.27 15.02
CA GLY A 46 33.08 4.86 14.78
C GLY A 46 31.94 3.97 15.25
N SER A 47 31.10 4.53 16.13
CA SER A 47 29.95 3.83 16.68
C SER A 47 28.74 3.93 15.76
N ILE A 48 28.86 4.70 14.67
CA ILE A 48 27.77 4.85 13.72
C ILE A 48 27.70 3.62 12.83
N MET A 49 26.48 3.15 12.62
CA MET A 49 26.21 1.97 11.81
C MET A 49 26.53 2.16 10.35
N ASN A 50 25.81 3.08 9.72
CA ASN A 50 25.95 3.38 8.31
C ASN A 50 26.46 4.77 8.03
N PRO A 51 27.77 5.00 8.22
CA PRO A 51 28.30 6.33 7.96
C PRO A 51 28.41 6.54 6.44
N LYS A 52 28.28 7.79 5.99
CA LYS A 52 28.38 8.10 4.56
C LYS A 52 29.74 7.69 4.00
N SER A 53 30.75 7.70 4.87
CA SER A 53 32.12 7.33 4.51
C SER A 53 32.26 5.94 3.90
N LEU A 54 31.38 5.03 4.31
CA LEU A 54 31.36 3.65 3.80
C LEU A 54 30.30 3.41 2.74
N THR A 55 29.60 4.46 2.32
CA THR A 55 28.58 4.33 1.30
C THR A 55 29.07 4.87 -0.04
N ARG A 56 28.39 4.47 -1.10
CA ARG A 56 28.69 4.93 -2.45
C ARG A 56 27.34 5.01 -3.13
N GLY A 57 26.83 6.23 -3.26
CA GLY A 57 25.50 6.42 -3.84
C GLY A 57 25.28 6.58 -5.33
N PRO A 58 24.05 6.98 -5.70
CA PRO A 58 23.56 7.22 -7.06
C PRO A 58 24.42 8.08 -7.94
N ARG A 59 23.99 8.18 -9.21
CA ARG A 59 24.65 8.98 -10.25
C ARG A 59 23.67 9.30 -11.36
N ASP A 60 24.02 10.33 -12.13
CA ASP A 60 23.22 10.77 -13.27
C ASP A 60 24.04 10.81 -14.54
N LYS A 61 25.36 10.90 -14.38
CA LYS A 61 26.26 10.94 -15.51
C LYS A 61 27.38 9.93 -15.31
N PRO A 62 28.08 9.58 -16.38
CA PRO A 62 29.19 8.62 -16.31
C PRO A 62 30.27 9.04 -15.33
N THR A 63 31.36 8.30 -15.31
CA THR A 63 32.45 8.57 -14.39
C THR A 63 33.62 9.31 -15.04
N PRO A 64 33.75 10.62 -14.77
CA PRO A 64 34.82 11.48 -15.30
C PRO A 64 36.17 10.80 -15.59
N LEU A 65 36.51 10.78 -16.88
CA LEU A 65 37.74 10.15 -17.39
C LEU A 65 39.02 10.43 -16.61
N GLU A 66 39.14 11.64 -16.07
CA GLU A 66 40.32 12.02 -15.33
C GLU A 66 40.44 11.26 -14.02
N GLU A 67 39.42 10.46 -13.73
CA GLU A 67 39.40 9.64 -12.52
C GLU A 67 39.34 8.19 -12.96
N LEU A 68 38.28 7.88 -13.70
CA LEU A 68 38.07 6.52 -14.19
C LEU A 68 39.35 5.94 -14.78
N LEU A 69 40.24 6.83 -15.23
CA LEU A 69 41.50 6.41 -15.83
C LEU A 69 42.61 6.25 -14.79
N PRO A 70 42.77 7.24 -13.89
CA PRO A 70 43.83 7.10 -12.90
C PRO A 70 43.61 5.84 -12.04
N HIS A 71 42.36 5.64 -11.61
CA HIS A 71 42.03 4.49 -10.78
C HIS A 71 42.20 3.21 -11.58
N ALA A 72 41.81 3.25 -12.85
CA ALA A 72 41.94 2.09 -13.72
C ALA A 72 43.39 1.61 -13.71
N ILE A 73 44.31 2.53 -13.96
CA ILE A 73 45.73 2.19 -14.01
C ILE A 73 46.21 1.63 -12.69
N GLU A 74 45.77 2.24 -11.60
CA GLU A 74 46.18 1.80 -10.27
C GLU A 74 45.87 0.34 -10.01
N PHE A 75 44.62 -0.05 -10.31
CA PHE A 75 44.18 -1.42 -10.12
C PHE A 75 45.04 -2.36 -10.96
N ILE A 76 45.10 -2.09 -12.26
CA ILE A 76 45.87 -2.92 -13.18
C ILE A 76 47.29 -3.18 -12.68
N ASN A 77 47.83 -2.23 -11.94
CA ASN A 77 49.17 -2.39 -11.40
C ASN A 77 49.12 -3.36 -10.24
N GLN A 78 48.20 -3.09 -9.30
CA GLN A 78 48.01 -3.96 -8.15
C GLN A 78 47.89 -5.37 -8.70
N TYR A 79 46.99 -5.55 -9.67
CA TYR A 79 46.74 -6.84 -10.30
C TYR A 79 48.01 -7.53 -10.82
N TYR A 80 48.56 -7.01 -11.91
CA TYR A 80 49.75 -7.60 -12.52
C TYR A 80 50.92 -7.64 -11.55
N GLY A 81 50.85 -6.79 -10.53
CA GLY A 81 51.92 -6.76 -9.54
C GLY A 81 51.60 -7.76 -8.45
N SER A 82 50.76 -8.73 -8.78
CA SER A 82 50.36 -9.76 -7.82
C SER A 82 51.03 -11.11 -8.01
N PHE A 83 50.60 -11.83 -9.03
CA PHE A 83 51.15 -13.15 -9.28
C PHE A 83 52.67 -13.14 -9.38
N LYS A 84 53.29 -14.09 -8.66
CA LYS A 84 54.73 -14.27 -8.64
C LYS A 84 55.26 -14.32 -10.07
N GLU A 85 56.38 -13.63 -10.31
CA GLU A 85 56.97 -13.59 -11.65
C GLU A 85 55.99 -12.85 -12.55
N ALA A 86 56.14 -11.52 -12.64
CA ALA A 86 55.24 -10.70 -13.44
C ALA A 86 55.34 -10.87 -14.95
N LYS A 87 54.19 -10.72 -15.60
CA LYS A 87 54.07 -10.83 -17.05
C LYS A 87 54.19 -9.40 -17.58
N ILE A 88 55.35 -8.80 -17.30
CA ILE A 88 55.65 -7.43 -17.70
C ILE A 88 55.06 -6.97 -19.03
N GLU A 89 55.29 -7.72 -20.10
CA GLU A 89 54.76 -7.32 -21.39
C GLU A 89 53.24 -7.20 -21.36
N GLU A 90 52.60 -8.11 -20.63
CA GLU A 90 51.15 -8.11 -20.51
C GLU A 90 50.71 -6.96 -19.59
N HIS A 91 51.51 -6.72 -18.55
CA HIS A 91 51.24 -5.65 -17.60
C HIS A 91 51.21 -4.32 -18.36
N LEU A 92 52.14 -4.19 -19.30
CA LEU A 92 52.24 -3.00 -20.14
C LEU A 92 51.15 -3.13 -21.20
N ALA A 93 51.05 -4.33 -21.76
CA ALA A 93 50.06 -4.63 -22.78
C ALA A 93 48.65 -4.28 -22.34
N ARG A 94 48.26 -4.79 -21.16
CA ARG A 94 46.93 -4.55 -20.63
C ARG A 94 46.75 -3.05 -20.45
N LEU A 95 47.59 -2.46 -19.60
CA LEU A 95 47.54 -1.01 -19.34
C LEU A 95 47.27 -0.29 -20.65
N GLU A 96 47.89 -0.80 -21.71
CA GLU A 96 47.74 -0.23 -23.04
C GLU A 96 46.28 -0.36 -23.50
N ALA A 97 45.84 -1.60 -23.74
CA ALA A 97 44.49 -1.88 -24.20
C ALA A 97 43.46 -1.19 -23.31
N VAL A 98 43.76 -1.17 -22.02
CA VAL A 98 42.86 -0.56 -21.04
C VAL A 98 42.63 0.89 -21.41
N THR A 99 43.74 1.65 -21.44
CA THR A 99 43.70 3.06 -21.78
C THR A 99 42.88 3.25 -23.04
N LYS A 100 43.30 2.57 -24.11
CA LYS A 100 42.60 2.65 -25.39
C LYS A 100 41.10 2.54 -25.18
N GLU A 101 40.67 1.37 -24.70
CA GLU A 101 39.25 1.08 -24.44
C GLU A 101 38.55 2.19 -23.67
N ILE A 102 39.24 2.71 -22.65
CA ILE A 102 38.71 3.78 -21.84
C ILE A 102 38.48 4.99 -22.73
N GLU A 103 39.54 5.41 -23.43
CA GLU A 103 39.45 6.55 -24.32
C GLU A 103 38.75 6.22 -25.63
N THR A 104 37.82 5.26 -25.56
CA THR A 104 37.08 4.83 -26.74
C THR A 104 35.59 4.68 -26.43
N THR A 105 35.26 4.52 -25.15
CA THR A 105 33.86 4.35 -24.74
C THR A 105 33.59 4.90 -23.36
N GLY A 106 34.61 5.51 -22.76
CA GLY A 106 34.44 6.03 -21.43
C GLY A 106 34.93 4.94 -20.50
N THR A 107 34.01 4.11 -20.00
CA THR A 107 34.38 3.03 -19.07
C THR A 107 35.13 1.91 -19.78
N TYR A 108 35.51 0.88 -19.02
CA TYR A 108 36.21 -0.28 -19.56
C TYR A 108 35.77 -1.58 -18.88
N GLN A 109 36.01 -2.72 -19.53
CA GLN A 109 35.64 -4.02 -18.99
C GLN A 109 36.77 -4.80 -18.30
N LEU A 110 36.39 -5.61 -17.33
CA LEU A 110 37.37 -6.41 -16.61
C LEU A 110 37.52 -7.81 -17.17
N THR A 111 38.73 -8.37 -17.07
CA THR A 111 38.96 -9.72 -17.55
C THR A 111 38.53 -10.58 -16.37
N LEU A 112 37.92 -11.73 -16.65
CA LEU A 112 37.45 -12.58 -15.57
C LEU A 112 38.46 -12.81 -14.46
N ASP A 113 39.74 -12.91 -14.80
CA ASP A 113 40.72 -13.14 -13.76
C ASP A 113 40.82 -11.88 -12.90
N GLU A 114 40.49 -10.73 -13.48
CA GLU A 114 40.53 -9.48 -12.74
C GLU A 114 39.39 -9.46 -11.71
N LEU A 115 38.18 -9.78 -12.16
CA LEU A 115 36.99 -9.79 -11.29
C LEU A 115 37.33 -10.67 -10.11
N ILE A 116 37.77 -11.87 -10.41
CA ILE A 116 38.13 -12.82 -9.39
C ILE A 116 39.12 -12.16 -8.43
N PHE A 117 40.08 -11.43 -8.97
CA PHE A 117 41.05 -10.79 -8.10
C PHE A 117 40.35 -9.73 -7.27
N ALA A 118 39.64 -8.86 -7.97
CA ALA A 118 38.90 -7.75 -7.36
C ALA A 118 38.10 -8.19 -6.15
N THR A 119 37.25 -9.20 -6.35
CA THR A 119 36.35 -9.70 -5.32
C THR A 119 37.00 -10.23 -4.06
N LYS A 120 38.09 -11.00 -4.19
CA LYS A 120 38.74 -11.50 -2.99
C LYS A 120 39.45 -10.34 -2.31
N MET A 121 40.00 -9.43 -3.11
CA MET A 121 40.67 -8.29 -2.53
C MET A 121 39.63 -7.51 -1.75
N ALA A 122 38.55 -7.12 -2.42
CA ALA A 122 37.46 -6.36 -1.79
C ALA A 122 37.04 -7.05 -0.49
N TRP A 123 36.66 -8.32 -0.61
CA TRP A 123 36.28 -9.08 0.56
C TRP A 123 37.41 -8.90 1.60
N ARG A 124 38.62 -9.28 1.20
CA ARG A 124 39.81 -9.16 2.03
C ARG A 124 39.93 -7.79 2.69
N ASN A 125 39.31 -6.77 2.10
CA ASN A 125 39.34 -5.40 2.61
C ASN A 125 38.08 -5.00 3.37
N ALA A 126 37.25 -5.96 3.76
CA ALA A 126 36.03 -5.65 4.52
C ALA A 126 36.32 -5.56 6.02
N PRO A 127 36.60 -4.35 6.52
CA PRO A 127 36.90 -4.20 7.94
C PRO A 127 35.94 -4.82 8.94
N ARG A 128 34.72 -5.12 8.50
CA ARG A 128 33.73 -5.69 9.40
C ARG A 128 33.58 -7.20 9.30
N CYS A 129 34.26 -7.84 8.37
CA CYS A 129 34.16 -9.29 8.23
C CYS A 129 35.16 -10.00 9.14
N ILE A 130 34.71 -11.07 9.80
CA ILE A 130 35.58 -11.80 10.72
C ILE A 130 36.02 -13.12 10.17
N GLY A 131 35.50 -13.50 9.01
CA GLY A 131 35.87 -14.79 8.43
C GLY A 131 36.77 -14.63 7.24
N ARG A 132 37.46 -13.49 7.18
CA ARG A 132 38.37 -13.16 6.08
C ARG A 132 39.55 -14.12 5.91
N ILE A 133 39.67 -15.11 6.78
CA ILE A 133 40.76 -16.05 6.65
C ILE A 133 40.48 -16.96 5.47
N GLN A 134 39.24 -16.90 4.97
CA GLN A 134 38.80 -17.69 3.83
C GLN A 134 38.82 -16.87 2.53
N TRP A 135 39.35 -15.65 2.59
CA TRP A 135 39.35 -14.74 1.46
C TRP A 135 39.81 -15.28 0.13
N SER A 136 40.44 -16.44 0.13
CA SER A 136 40.92 -17.02 -1.10
C SER A 136 39.95 -18.02 -1.74
N ASN A 137 39.25 -18.81 -0.94
CA ASN A 137 38.31 -19.77 -1.48
C ASN A 137 36.98 -19.08 -1.65
N LEU A 138 36.77 -18.56 -2.86
CA LEU A 138 35.56 -17.85 -3.19
C LEU A 138 35.15 -18.18 -4.61
N GLN A 139 33.87 -18.45 -4.80
CA GLN A 139 33.35 -18.77 -6.12
C GLN A 139 32.87 -17.49 -6.72
N VAL A 140 33.24 -17.26 -7.98
CA VAL A 140 32.83 -16.05 -8.65
C VAL A 140 31.95 -16.41 -9.86
N PHE A 141 30.78 -15.81 -9.93
CA PHE A 141 29.88 -16.06 -11.03
C PHE A 141 29.79 -14.80 -11.87
N ASP A 142 30.18 -14.93 -13.14
CA ASP A 142 30.15 -13.82 -14.08
C ASP A 142 28.78 -13.64 -14.71
N ALA A 143 28.05 -12.62 -14.28
CA ALA A 143 26.72 -12.37 -14.82
C ALA A 143 26.70 -10.98 -15.46
N ARG A 144 27.89 -10.44 -15.69
CA ARG A 144 28.06 -9.12 -16.29
C ARG A 144 27.27 -8.88 -17.58
N ASN A 145 26.84 -9.96 -18.24
CA ASN A 145 26.07 -9.82 -19.47
C ASN A 145 24.61 -10.13 -19.26
N CYS A 146 24.15 -9.97 -18.03
CA CYS A 146 22.75 -10.21 -17.71
C CYS A 146 21.99 -9.07 -18.37
N SER A 147 20.72 -9.29 -18.66
CA SER A 147 19.95 -8.26 -19.32
C SER A 147 18.65 -7.88 -18.61
N THR A 148 17.85 -8.88 -18.24
CA THR A 148 16.57 -8.63 -17.60
C THR A 148 16.39 -9.16 -16.18
N ALA A 149 15.32 -8.71 -15.54
CA ALA A 149 14.99 -9.13 -14.19
C ALA A 149 14.95 -10.64 -14.09
N GLN A 150 14.21 -11.25 -15.00
CA GLN A 150 14.06 -12.71 -15.07
C GLN A 150 15.41 -13.43 -15.12
N GLU A 151 16.41 -12.76 -15.70
CA GLU A 151 17.75 -13.35 -15.80
C GLU A 151 18.51 -13.20 -14.49
N MET A 152 18.18 -12.15 -13.74
CA MET A 152 18.84 -11.96 -12.46
C MET A 152 18.33 -13.11 -11.61
N PHE A 153 17.01 -13.12 -11.44
CA PHE A 153 16.32 -14.14 -10.67
C PHE A 153 16.83 -15.55 -10.99
N GLN A 154 17.32 -15.75 -12.20
CA GLN A 154 17.84 -17.05 -12.57
C GLN A 154 19.21 -17.29 -11.96
N HIS A 155 20.11 -16.33 -12.14
CA HIS A 155 21.46 -16.44 -11.58
C HIS A 155 21.37 -16.50 -10.06
N ILE A 156 20.42 -15.76 -9.49
CA ILE A 156 20.26 -15.73 -8.04
C ILE A 156 19.91 -17.13 -7.56
N CYS A 157 19.04 -17.83 -8.27
CA CYS A 157 18.66 -19.19 -7.89
C CYS A 157 19.90 -20.06 -8.05
N ARG A 158 20.60 -19.91 -9.16
CA ARG A 158 21.81 -20.67 -9.41
C ARG A 158 22.70 -20.53 -8.18
N HIS A 159 22.97 -19.29 -7.82
CA HIS A 159 23.81 -18.97 -6.68
C HIS A 159 23.37 -19.68 -5.39
N ILE A 160 22.17 -19.35 -4.92
CA ILE A 160 21.62 -19.97 -3.73
C ILE A 160 21.85 -21.49 -3.76
N LEU A 161 21.57 -22.09 -4.92
CA LEU A 161 21.76 -23.53 -5.04
C LEU A 161 23.23 -23.91 -4.84
N TYR A 162 24.16 -23.16 -5.46
CA TYR A 162 25.58 -23.48 -5.34
C TYR A 162 26.18 -23.36 -3.95
N ALA A 163 25.87 -22.27 -3.27
CA ALA A 163 26.40 -22.02 -1.94
C ALA A 163 25.77 -22.88 -0.86
N THR A 164 24.51 -23.28 -1.06
CA THR A 164 23.81 -24.10 -0.06
C THR A 164 24.36 -25.51 -0.04
N ASN A 165 24.75 -25.97 -1.22
CA ASN A 165 25.33 -27.30 -1.42
C ASN A 165 24.85 -28.34 -0.40
N ASN A 166 23.56 -28.31 -0.12
CA ASN A 166 22.94 -29.24 0.80
C ASN A 166 23.53 -29.22 2.22
N GLY A 167 23.81 -28.03 2.74
CA GLY A 167 24.38 -27.95 4.08
C GLY A 167 25.88 -27.68 4.11
N ASN A 168 26.62 -28.20 3.13
CA ASN A 168 28.05 -27.93 3.10
C ASN A 168 28.26 -26.58 2.42
N ILE A 169 27.86 -25.50 3.11
CA ILE A 169 27.95 -24.14 2.60
C ILE A 169 29.23 -23.77 1.88
N ARG A 170 29.08 -23.00 0.81
CA ARG A 170 30.20 -22.53 0.00
C ARG A 170 30.12 -21.02 -0.24
N SER A 171 31.22 -20.30 -0.03
CA SER A 171 31.25 -18.84 -0.24
C SER A 171 31.24 -18.60 -1.74
N ALA A 172 30.40 -17.67 -2.17
CA ALA A 172 30.29 -17.37 -3.58
C ALA A 172 29.80 -15.95 -3.77
N ILE A 173 29.98 -15.44 -4.98
CA ILE A 173 29.54 -14.10 -5.30
C ILE A 173 29.15 -14.14 -6.76
N THR A 174 28.07 -13.47 -7.10
CA THR A 174 27.61 -13.40 -8.48
C THR A 174 27.52 -11.92 -8.91
N VAL A 175 28.58 -11.49 -9.60
CA VAL A 175 28.72 -10.12 -10.11
C VAL A 175 27.80 -9.82 -11.31
N PHE A 176 26.91 -8.84 -11.15
CA PHE A 176 26.01 -8.45 -12.22
C PHE A 176 26.60 -7.32 -13.07
N PRO A 177 25.81 -6.73 -14.00
CA PRO A 177 26.28 -5.64 -14.87
C PRO A 177 26.82 -4.43 -14.11
N GLN A 178 28.04 -4.01 -14.46
CA GLN A 178 28.63 -2.84 -13.80
C GLN A 178 27.78 -1.59 -14.01
N ARG A 179 28.25 -0.47 -13.50
CA ARG A 179 27.51 0.77 -13.66
C ARG A 179 28.05 1.54 -14.85
N SER A 180 27.14 1.99 -15.71
CA SER A 180 27.54 2.74 -16.89
C SER A 180 27.45 4.24 -16.66
N ASP A 181 26.24 4.77 -16.75
CA ASP A 181 26.00 6.19 -16.57
C ASP A 181 25.50 6.44 -15.16
N GLY A 182 24.46 5.70 -14.78
CA GLY A 182 23.88 5.86 -13.46
C GLY A 182 22.38 5.70 -13.53
N LYS A 183 21.84 5.65 -14.75
CA LYS A 183 20.40 5.49 -14.91
C LYS A 183 20.06 4.08 -15.35
N HIS A 184 21.10 3.26 -15.52
CA HIS A 184 20.92 1.87 -15.94
C HIS A 184 21.53 0.91 -14.90
N ASP A 185 21.18 1.14 -13.64
CA ASP A 185 21.68 0.34 -12.54
C ASP A 185 20.90 -0.94 -12.33
N PHE A 186 21.61 -1.98 -11.89
CA PHE A 186 21.02 -3.26 -11.56
C PHE A 186 21.05 -3.31 -10.04
N ARG A 187 19.91 -3.49 -9.41
CA ARG A 187 19.89 -3.50 -7.95
C ARG A 187 18.99 -4.58 -7.39
N LEU A 188 19.45 -5.21 -6.31
CA LEU A 188 18.62 -6.19 -5.62
C LEU A 188 18.07 -5.29 -4.54
N TRP A 189 16.75 -5.23 -4.42
CA TRP A 189 16.12 -4.36 -3.43
C TRP A 189 16.11 -4.90 -2.01
N ASN A 190 16.17 -6.22 -1.88
CA ASN A 190 16.18 -6.87 -0.58
C ASN A 190 17.49 -6.55 0.14
N SER A 191 17.52 -6.76 1.46
CA SER A 191 18.74 -6.49 2.21
C SER A 191 19.66 -7.70 2.09
N GLN A 192 19.05 -8.89 2.04
CA GLN A 192 19.79 -10.15 1.91
C GLN A 192 19.02 -11.21 1.14
N LEU A 193 19.75 -12.09 0.45
CA LEU A 193 19.12 -13.13 -0.36
C LEU A 193 17.93 -13.82 0.32
N ILE A 194 18.16 -14.41 1.48
CA ILE A 194 17.10 -15.10 2.21
C ILE A 194 16.85 -14.38 3.53
N ARG A 195 15.61 -13.96 3.73
CA ARG A 195 15.27 -13.21 4.92
C ARG A 195 13.78 -13.33 5.20
N TYR A 196 13.41 -13.56 6.45
CA TYR A 196 12.01 -13.71 6.80
C TYR A 196 11.27 -12.37 6.81
N ALA A 197 9.94 -12.44 6.69
CA ALA A 197 9.08 -11.26 6.67
C ALA A 197 8.43 -10.94 8.02
N GLY A 198 8.24 -9.66 8.29
CA GLY A 198 7.64 -9.25 9.54
C GLY A 198 6.36 -8.43 9.37
N TYR A 199 5.25 -8.99 9.81
CA TYR A 199 3.98 -8.30 9.69
C TYR A 199 3.62 -7.66 11.03
N GLN A 200 3.06 -6.45 10.99
CA GLN A 200 2.65 -5.78 12.22
C GLN A 200 1.19 -6.13 12.57
N MET A 201 0.92 -7.42 12.75
CA MET A 201 -0.41 -7.96 13.07
C MET A 201 -1.31 -7.10 13.97
N PRO A 202 -2.64 -7.38 13.97
CA PRO A 202 -3.70 -6.69 14.73
C PRO A 202 -3.49 -6.32 16.21
N ASP A 203 -3.51 -7.32 17.09
CA ASP A 203 -3.36 -7.11 18.53
C ASP A 203 -2.21 -6.22 19.00
N GLY A 204 -1.59 -5.49 18.08
CA GLY A 204 -0.49 -4.62 18.44
C GLY A 204 0.85 -5.33 18.41
N THR A 205 0.81 -6.66 18.42
CA THR A 205 2.02 -7.47 18.38
C THR A 205 2.70 -7.33 17.02
N ILE A 206 3.66 -8.22 16.76
CA ILE A 206 4.43 -8.24 15.51
C ILE A 206 4.94 -9.66 15.32
N ARG A 207 4.63 -10.27 14.19
CA ARG A 207 5.10 -11.62 13.95
C ARG A 207 6.20 -11.68 12.91
N GLY A 208 6.96 -12.78 12.93
CA GLY A 208 8.05 -12.94 11.99
C GLY A 208 9.30 -12.19 12.40
N ASP A 209 9.79 -11.32 11.52
CA ASP A 209 11.02 -10.55 11.76
C ASP A 209 10.74 -9.04 11.86
N ALA A 210 10.72 -8.50 13.08
CA ALA A 210 10.46 -7.09 13.29
C ALA A 210 11.36 -6.20 12.44
N ALA A 211 12.53 -6.73 12.09
CA ALA A 211 13.49 -5.98 11.29
C ALA A 211 12.87 -5.60 9.95
N THR A 212 12.58 -6.61 9.13
CA THR A 212 12.01 -6.40 7.80
C THR A 212 10.79 -5.46 7.68
N LEU A 213 9.84 -5.55 8.62
CA LEU A 213 8.64 -4.70 8.60
C LEU A 213 8.43 -3.83 7.36
N GLU A 214 9.17 -2.71 7.30
CA GLU A 214 9.09 -1.78 6.17
C GLU A 214 9.15 -2.49 4.82
N PHE A 215 10.26 -3.16 4.56
CA PHE A 215 10.42 -3.88 3.31
C PHE A 215 9.25 -4.83 3.08
N THR A 216 8.84 -5.56 4.12
CA THR A 216 7.75 -6.51 3.97
C THR A 216 6.50 -5.86 3.41
N GLN A 217 6.36 -4.56 3.66
CA GLN A 217 5.21 -3.81 3.18
C GLN A 217 5.37 -3.59 1.68
N LEU A 218 6.52 -3.04 1.29
CA LEU A 218 6.82 -2.78 -0.12
C LEU A 218 6.57 -4.02 -0.96
N CYS A 219 6.84 -5.19 -0.40
CA CYS A 219 6.62 -6.43 -1.12
C CYS A 219 5.12 -6.64 -1.30
N ILE A 220 4.34 -6.11 -0.38
CA ILE A 220 2.89 -6.23 -0.45
C ILE A 220 2.39 -5.29 -1.52
N ASP A 221 2.95 -4.08 -1.52
CA ASP A 221 2.60 -3.04 -2.48
C ASP A 221 3.01 -3.43 -3.89
N LEU A 222 4.09 -4.20 -4.03
CA LEU A 222 4.54 -4.63 -5.35
C LEU A 222 3.88 -5.97 -5.68
N GLY A 223 2.83 -6.29 -4.93
CA GLY A 223 2.07 -7.50 -5.17
C GLY A 223 2.56 -8.85 -4.69
N TRP A 224 2.80 -9.00 -3.38
CA TRP A 224 3.23 -10.29 -2.85
C TRP A 224 2.13 -10.80 -1.94
N LYS A 225 1.98 -12.12 -1.85
CA LYS A 225 0.96 -12.73 -1.01
C LYS A 225 1.50 -13.06 0.38
N PRO A 226 1.21 -12.20 1.37
CA PRO A 226 1.68 -12.41 2.75
C PRO A 226 1.08 -13.63 3.42
N ARG A 227 1.84 -14.71 3.50
CA ARG A 227 1.36 -15.94 4.13
C ARG A 227 1.33 -15.82 5.66
N TYR A 228 1.32 -14.60 6.17
CA TYR A 228 1.28 -14.30 7.61
C TYR A 228 1.71 -15.41 8.55
N GLY A 229 3.03 -15.60 8.67
CA GLY A 229 3.56 -16.64 9.54
C GLY A 229 4.71 -16.16 10.40
N ARG A 230 5.53 -17.10 10.86
CA ARG A 230 6.68 -16.78 11.70
C ARG A 230 8.01 -16.96 11.00
N PHE A 231 7.99 -17.59 9.84
CA PHE A 231 9.23 -17.82 9.13
C PHE A 231 9.01 -17.79 7.61
N ASP A 232 8.39 -16.73 7.11
CA ASP A 232 8.13 -16.63 5.68
C ASP A 232 9.25 -15.95 4.93
N VAL A 233 9.96 -16.72 4.10
CA VAL A 233 11.07 -16.21 3.29
C VAL A 233 10.58 -15.14 2.33
N LEU A 234 11.05 -13.91 2.49
CA LEU A 234 10.63 -12.79 1.63
C LEU A 234 10.98 -13.04 0.17
N PRO A 235 10.29 -12.35 -0.74
CA PRO A 235 10.47 -12.45 -2.20
C PRO A 235 11.63 -11.58 -2.69
N LEU A 236 12.29 -12.02 -3.75
CA LEU A 236 13.39 -11.28 -4.36
C LEU A 236 12.79 -10.09 -5.13
N VAL A 237 13.19 -8.86 -4.79
CA VAL A 237 12.66 -7.68 -5.50
C VAL A 237 13.76 -7.09 -6.36
N LEU A 238 13.82 -7.61 -7.58
CA LEU A 238 14.81 -7.27 -8.57
C LEU A 238 14.47 -6.18 -9.58
N GLN A 239 15.42 -5.27 -9.80
CA GLN A 239 15.25 -4.19 -10.77
C GLN A 239 16.47 -4.27 -11.68
N ALA A 240 16.23 -4.36 -12.98
CA ALA A 240 17.33 -4.48 -13.95
C ALA A 240 17.45 -3.36 -15.01
N ASP A 241 18.70 -3.06 -15.35
CA ASP A 241 19.01 -2.05 -16.36
C ASP A 241 18.54 -0.66 -15.99
N GLY A 242 17.96 -0.53 -14.81
CA GLY A 242 17.49 0.78 -14.40
C GLY A 242 16.00 0.87 -14.57
N GLN A 243 15.40 -0.28 -14.90
CA GLN A 243 13.96 -0.32 -15.07
C GLN A 243 13.31 -0.25 -13.70
N ASP A 244 12.18 -0.92 -13.56
CA ASP A 244 11.48 -0.95 -12.29
C ASP A 244 11.68 -2.33 -11.68
N PRO A 245 11.56 -2.43 -10.35
CA PRO A 245 11.74 -3.72 -9.68
C PRO A 245 10.59 -4.66 -9.95
N GLU A 246 10.92 -5.91 -10.26
CA GLU A 246 9.91 -6.94 -10.52
C GLU A 246 10.02 -7.94 -9.38
N VAL A 247 8.88 -8.31 -8.82
CA VAL A 247 8.86 -9.25 -7.70
C VAL A 247 8.99 -10.73 -8.11
N PHE A 248 9.83 -11.46 -7.38
CA PHE A 248 10.05 -12.88 -7.62
C PHE A 248 10.08 -13.66 -6.31
N GLU A 249 9.21 -14.64 -6.19
CA GLU A 249 9.15 -15.47 -4.98
C GLU A 249 10.27 -16.52 -5.10
N ILE A 250 10.85 -16.92 -3.97
CA ILE A 250 11.94 -17.89 -4.02
C ILE A 250 11.47 -19.34 -3.91
N PRO A 251 12.06 -20.22 -4.71
CA PRO A 251 11.74 -21.65 -4.74
C PRO A 251 11.96 -22.35 -3.41
N PRO A 252 10.88 -22.57 -2.63
CA PRO A 252 10.98 -23.24 -1.33
C PRO A 252 12.03 -24.33 -1.35
N ASP A 253 12.06 -25.09 -2.42
CA ASP A 253 13.03 -26.16 -2.55
C ASP A 253 14.49 -25.73 -2.40
N LEU A 254 14.77 -24.45 -2.65
CA LEU A 254 16.13 -23.90 -2.57
C LEU A 254 16.54 -23.37 -1.18
N VAL A 255 15.59 -22.81 -0.45
CA VAL A 255 15.87 -22.28 0.88
C VAL A 255 15.93 -23.38 1.95
N LEU A 256 17.14 -23.76 2.33
CA LEU A 256 17.40 -24.78 3.34
C LEU A 256 17.31 -24.18 4.76
N GLU A 257 16.63 -24.88 5.66
CA GLU A 257 16.46 -24.40 7.03
C GLU A 257 16.80 -25.44 8.09
N VAL A 258 17.28 -24.95 9.24
CA VAL A 258 17.62 -25.83 10.36
C VAL A 258 16.53 -25.66 11.43
N THR A 259 16.07 -26.78 11.99
CA THR A 259 15.05 -26.72 13.05
C THR A 259 15.73 -26.70 14.42
N MET A 260 15.35 -25.72 15.22
CA MET A 260 15.97 -25.52 16.53
C MET A 260 15.59 -26.49 17.65
N GLU A 261 16.55 -27.32 18.03
CA GLU A 261 16.36 -28.26 19.12
C GLU A 261 17.59 -28.38 20.03
N HIS A 262 17.33 -28.22 21.34
CA HIS A 262 18.33 -28.27 22.42
C HIS A 262 18.77 -29.69 22.74
N PRO A 263 20.06 -29.90 23.09
CA PRO A 263 20.51 -31.26 23.39
C PRO A 263 20.08 -31.79 24.76
N LYS A 264 19.37 -30.98 25.53
CA LYS A 264 18.87 -31.39 26.84
C LYS A 264 17.41 -31.02 26.90
N TYR A 265 17.13 -29.80 27.33
CA TYR A 265 15.77 -29.31 27.43
C TYR A 265 15.02 -29.77 26.18
N GLU A 266 14.22 -30.84 26.32
CA GLU A 266 13.47 -31.37 25.19
C GLU A 266 12.29 -30.49 24.82
N TRP A 267 11.97 -29.57 25.72
CA TRP A 267 10.87 -28.67 25.49
C TRP A 267 11.32 -27.53 24.58
N PHE A 268 12.57 -27.55 24.14
CA PHE A 268 13.07 -26.47 23.28
C PHE A 268 12.55 -26.53 21.85
N GLN A 269 12.21 -27.73 21.38
CA GLN A 269 11.67 -27.84 20.03
C GLN A 269 10.22 -27.38 20.09
N GLU A 270 9.66 -27.42 21.29
CA GLU A 270 8.29 -26.99 21.52
C GLU A 270 8.16 -25.51 21.17
N LEU A 271 9.28 -24.80 21.12
CA LEU A 271 9.22 -23.40 20.79
C LEU A 271 8.96 -23.30 19.29
N GLY A 272 9.32 -24.36 18.57
CA GLY A 272 9.11 -24.43 17.13
C GLY A 272 10.02 -23.62 16.21
N LEU A 273 10.96 -22.90 16.79
CA LEU A 273 11.92 -22.06 16.07
C LEU A 273 12.79 -22.77 15.03
N LYS A 274 13.25 -22.01 14.05
CA LYS A 274 14.13 -22.52 13.00
C LYS A 274 14.82 -21.32 12.34
N TRP A 275 15.68 -21.57 11.36
CA TRP A 275 16.36 -20.48 10.66
C TRP A 275 17.12 -21.00 9.45
N TYR A 276 17.11 -20.23 8.36
CA TYR A 276 17.80 -20.60 7.11
C TYR A 276 19.30 -20.70 7.31
N ALA A 277 19.93 -21.59 6.57
CA ALA A 277 21.36 -21.80 6.72
C ALA A 277 22.25 -21.02 5.77
N LEU A 278 21.69 -20.06 5.03
CA LEU A 278 22.49 -19.32 4.05
C LEU A 278 22.54 -17.83 4.20
N PRO A 279 23.64 -17.30 4.75
CA PRO A 279 23.74 -15.86 4.93
C PRO A 279 24.35 -15.26 3.67
N ALA A 280 23.59 -14.40 3.00
CA ALA A 280 24.08 -13.76 1.78
C ALA A 280 23.68 -12.29 1.78
N VAL A 281 24.67 -11.42 1.65
CA VAL A 281 24.42 -9.97 1.60
C VAL A 281 24.05 -9.64 0.17
N ALA A 282 22.90 -9.01 -0.01
CA ALA A 282 22.44 -8.70 -1.34
C ALA A 282 22.61 -7.28 -1.86
N ASN A 283 22.46 -6.29 -0.99
CA ASN A 283 22.51 -4.91 -1.43
C ASN A 283 23.79 -4.08 -1.43
N MET A 284 24.95 -4.69 -1.24
CA MET A 284 26.20 -3.91 -1.23
C MET A 284 26.77 -3.64 -2.61
N LEU A 285 27.75 -2.74 -2.68
CA LEU A 285 28.35 -2.31 -3.95
C LEU A 285 29.85 -2.53 -4.07
N LEU A 286 30.28 -3.21 -5.13
CA LEU A 286 31.70 -3.45 -5.32
C LEU A 286 32.36 -2.37 -6.13
N GLU A 287 33.45 -1.85 -5.60
CA GLU A 287 34.22 -0.81 -6.27
C GLU A 287 35.63 -1.34 -6.50
N VAL A 288 36.05 -1.27 -7.76
CA VAL A 288 37.36 -1.72 -8.19
C VAL A 288 37.75 -0.92 -9.44
N GLY A 289 39.04 -0.59 -9.55
CA GLY A 289 39.53 0.15 -10.69
C GLY A 289 38.62 1.28 -11.16
N GLY A 290 38.17 2.13 -10.25
CA GLY A 290 37.30 3.24 -10.61
C GLY A 290 36.02 2.81 -11.30
N LEU A 291 35.66 1.55 -11.11
CA LEU A 291 34.45 0.98 -11.66
C LEU A 291 33.56 0.64 -10.47
N GLU A 292 32.26 0.51 -10.70
CA GLU A 292 31.37 0.16 -9.61
C GLU A 292 30.12 -0.66 -10.01
N PHE A 293 30.00 -1.85 -9.41
CA PHE A 293 28.86 -2.73 -9.68
C PHE A 293 27.88 -2.63 -8.52
N PRO A 294 26.76 -1.90 -8.72
CA PRO A 294 25.70 -1.69 -7.73
C PRO A 294 24.92 -2.94 -7.32
N ALA A 295 25.14 -4.04 -8.03
CA ALA A 295 24.44 -5.28 -7.69
C ALA A 295 25.45 -6.42 -7.71
N CYS A 296 25.67 -7.04 -6.56
CA CYS A 296 26.62 -8.14 -6.46
C CYS A 296 26.49 -8.91 -5.15
N PRO A 297 25.54 -9.83 -5.07
CA PRO A 297 25.40 -10.58 -3.81
C PRO A 297 26.50 -11.62 -3.53
N PHE A 298 26.99 -11.63 -2.29
CA PHE A 298 28.00 -12.58 -1.85
C PHE A 298 27.54 -13.24 -0.57
N ASN A 299 28.04 -14.44 -0.31
CA ASN A 299 27.65 -15.20 0.88
C ASN A 299 28.78 -16.00 1.53
N GLY A 300 28.66 -16.18 2.84
CA GLY A 300 29.63 -16.94 3.60
C GLY A 300 28.87 -18.08 4.25
N TRP A 301 28.88 -18.10 5.57
CA TRP A 301 28.16 -19.10 6.35
C TRP A 301 28.04 -18.51 7.72
N TYR A 302 27.06 -18.93 8.48
CA TYR A 302 26.81 -18.38 9.79
C TYR A 302 27.81 -18.64 10.89
N MET A 303 27.77 -17.78 11.89
CA MET A 303 28.62 -17.91 13.04
C MET A 303 27.58 -17.94 14.17
N GLY A 304 27.51 -19.07 14.86
CA GLY A 304 26.55 -19.26 15.93
C GLY A 304 25.72 -18.10 16.51
N THR A 305 26.39 -17.27 17.31
CA THR A 305 25.78 -16.14 18.00
C THR A 305 25.03 -15.13 17.15
N GLU A 306 25.12 -15.27 15.83
CA GLU A 306 24.42 -14.35 14.93
C GLU A 306 22.92 -14.63 15.06
N ILE A 307 22.59 -15.90 14.94
CA ILE A 307 21.25 -16.39 15.05
C ILE A 307 20.87 -16.41 16.53
N GLY A 308 21.63 -17.20 17.30
CA GLY A 308 21.38 -17.34 18.73
C GLY A 308 21.29 -16.11 19.62
N VAL A 309 22.05 -15.05 19.31
CA VAL A 309 22.03 -13.88 20.17
C VAL A 309 21.45 -12.61 19.55
N ARG A 310 21.68 -12.42 18.24
CA ARG A 310 21.17 -11.22 17.53
C ARG A 310 19.77 -11.40 16.99
N ASP A 311 19.55 -12.52 16.29
CA ASP A 311 18.23 -12.81 15.72
C ASP A 311 17.15 -13.36 16.70
N PHE A 312 17.55 -14.24 17.62
CA PHE A 312 16.59 -14.80 18.59
C PHE A 312 16.46 -13.97 19.86
N CYS A 313 17.46 -13.14 20.16
CA CYS A 313 17.42 -12.34 21.39
C CYS A 313 17.67 -10.85 21.23
N ASP A 314 16.72 -10.17 20.59
CA ASP A 314 16.83 -8.74 20.38
C ASP A 314 15.45 -8.13 20.51
N THR A 315 15.36 -7.00 21.19
CA THR A 315 14.08 -6.34 21.36
C THR A 315 13.47 -6.11 19.98
N GLN A 316 14.34 -5.99 18.99
CA GLN A 316 13.94 -5.72 17.61
C GLN A 316 13.96 -6.89 16.65
N ARG A 317 13.80 -8.11 17.13
CA ARG A 317 13.79 -9.25 16.23
C ARG A 317 12.78 -10.26 16.74
N TYR A 318 13.15 -11.54 16.74
CA TYR A 318 12.23 -12.54 17.23
C TYR A 318 11.99 -12.35 18.71
N ASN A 319 13.01 -11.95 19.46
CA ASN A 319 12.81 -11.69 20.88
C ASN A 319 12.26 -12.93 21.61
N ILE A 320 13.15 -13.82 22.08
CA ILE A 320 12.72 -15.03 22.78
C ILE A 320 13.41 -15.29 24.13
N LEU A 321 14.33 -14.41 24.52
CA LEU A 321 15.11 -14.55 25.77
C LEU A 321 14.35 -14.88 27.07
N GLU A 322 13.37 -14.06 27.44
CA GLU A 322 12.61 -14.34 28.66
C GLU A 322 12.02 -15.76 28.71
N GLU A 323 11.14 -16.08 27.76
CA GLU A 323 10.49 -17.39 27.71
C GLU A 323 11.46 -18.57 27.76
N VAL A 324 12.64 -18.43 27.16
CA VAL A 324 13.61 -19.53 27.20
C VAL A 324 14.18 -19.62 28.61
N GLY A 325 13.97 -18.54 29.37
CA GLY A 325 14.42 -18.52 30.74
C GLY A 325 13.35 -19.08 31.67
N ARG A 326 12.11 -18.65 31.49
CA ARG A 326 11.00 -19.14 32.31
C ARG A 326 10.98 -20.66 32.29
N ARG A 327 11.12 -21.24 31.10
CA ARG A 327 11.13 -22.68 31.00
C ARG A 327 12.46 -23.22 31.46
N MET A 328 13.19 -22.41 32.22
CA MET A 328 14.49 -22.80 32.75
C MET A 328 14.53 -22.64 34.28
N GLY A 329 13.46 -22.08 34.84
CA GLY A 329 13.38 -21.86 36.27
C GLY A 329 13.68 -20.40 36.55
N LEU A 330 14.94 -20.05 36.36
CA LEU A 330 15.49 -18.70 36.56
C LEU A 330 14.51 -17.60 37.01
N GLU A 331 14.92 -16.84 38.01
CA GLU A 331 14.11 -15.75 38.58
C GLU A 331 13.90 -14.58 37.63
N THR A 332 13.35 -14.89 36.45
CA THR A 332 13.05 -13.94 35.39
C THR A 332 12.79 -12.46 35.71
N HIS A 333 12.25 -12.14 36.89
CA HIS A 333 11.95 -10.75 37.20
C HIS A 333 12.99 -9.99 38.05
N THR A 334 14.17 -10.59 38.22
CA THR A 334 15.25 -9.99 39.00
C THR A 334 16.54 -9.92 38.17
N LEU A 335 16.76 -8.79 37.51
CA LEU A 335 17.94 -8.59 36.65
C LEU A 335 19.24 -9.23 37.18
N ALA A 336 19.60 -8.83 38.39
CA ALA A 336 20.82 -9.29 39.05
C ALA A 336 21.01 -10.80 39.09
N SER A 337 19.94 -11.55 38.86
CA SER A 337 19.99 -13.01 38.90
C SER A 337 20.77 -13.64 37.75
N LEU A 338 21.11 -12.83 36.75
CA LEU A 338 21.85 -13.30 35.58
C LEU A 338 21.15 -14.38 34.74
N TRP A 339 19.82 -14.43 34.81
CA TRP A 339 19.02 -15.38 34.05
C TRP A 339 19.18 -15.10 32.58
N LYS A 340 19.33 -13.82 32.24
CA LYS A 340 19.50 -13.45 30.85
C LYS A 340 20.78 -14.09 30.34
N ASP A 341 21.84 -14.00 31.14
CA ASP A 341 23.12 -14.56 30.77
C ASP A 341 23.03 -16.06 30.57
N ARG A 342 22.35 -16.73 31.50
CA ARG A 342 22.22 -18.19 31.39
C ARG A 342 21.38 -18.61 30.18
N ALA A 343 20.20 -18.03 30.06
CA ALA A 343 19.27 -18.33 28.97
C ALA A 343 19.95 -18.21 27.60
N VAL A 344 20.44 -17.01 27.31
CA VAL A 344 21.10 -16.74 26.04
C VAL A 344 22.13 -17.80 25.69
N THR A 345 22.89 -18.26 26.67
CA THR A 345 23.90 -19.26 26.41
C THR A 345 23.36 -20.60 25.95
N GLU A 346 22.27 -21.05 26.56
CA GLU A 346 21.67 -22.33 26.15
C GLU A 346 21.15 -22.20 24.71
N ILE A 347 20.46 -21.09 24.42
CA ILE A 347 19.94 -20.80 23.08
C ILE A 347 21.07 -20.97 22.06
N ASN A 348 22.28 -20.58 22.46
CA ASN A 348 23.46 -20.70 21.60
C ASN A 348 23.91 -22.15 21.46
N VAL A 349 23.59 -22.96 22.46
CA VAL A 349 23.95 -24.37 22.39
C VAL A 349 22.99 -24.97 21.37
N ALA A 350 21.75 -24.51 21.45
CA ALA A 350 20.69 -24.95 20.57
C ALA A 350 21.09 -24.75 19.12
N VAL A 351 21.23 -23.50 18.74
CA VAL A 351 21.60 -23.17 17.37
C VAL A 351 22.85 -23.93 17.00
N LEU A 352 23.76 -24.10 17.94
CA LEU A 352 24.99 -24.81 17.62
C LEU A 352 24.70 -26.27 17.46
N HIS A 353 24.04 -26.86 18.46
CA HIS A 353 23.69 -28.27 18.40
C HIS A 353 23.00 -28.59 17.08
N SER A 354 21.87 -27.92 16.86
CA SER A 354 21.05 -28.09 15.67
C SER A 354 21.77 -28.10 14.32
N PHE A 355 22.49 -27.03 13.97
CA PHE A 355 23.17 -27.07 12.67
C PHE A 355 24.07 -28.31 12.57
N GLN A 356 24.86 -28.57 13.60
CA GLN A 356 25.76 -29.72 13.57
C GLN A 356 25.00 -31.00 13.29
N LYS A 357 23.94 -31.22 14.04
CA LYS A 357 23.11 -32.42 13.91
C LYS A 357 22.66 -32.52 12.47
N GLN A 358 21.81 -31.59 12.05
CA GLN A 358 21.28 -31.55 10.71
C GLN A 358 22.32 -31.29 9.62
N ASN A 359 23.59 -31.37 9.97
CA ASN A 359 24.71 -31.17 9.04
C ASN A 359 24.79 -29.87 8.22
N VAL A 360 24.83 -28.73 8.90
CA VAL A 360 24.92 -27.44 8.22
C VAL A 360 26.12 -26.59 8.71
N THR A 361 27.14 -26.51 7.86
CA THR A 361 28.37 -25.73 8.11
C THR A 361 28.16 -24.49 8.98
N ILE A 362 28.50 -24.54 10.26
CA ILE A 362 28.35 -23.38 11.12
C ILE A 362 29.62 -23.19 11.95
N MET A 363 29.79 -22.04 12.59
CA MET A 363 31.02 -21.79 13.37
C MET A 363 30.82 -21.08 14.70
N ASP A 364 31.26 -21.73 15.78
CA ASP A 364 31.15 -21.16 17.13
C ASP A 364 32.01 -19.90 17.22
N HIS A 365 31.50 -18.87 17.89
CA HIS A 365 32.21 -17.61 17.96
C HIS A 365 33.62 -17.71 18.53
N HIS A 366 33.84 -18.62 19.46
CA HIS A 366 35.17 -18.80 20.05
C HIS A 366 36.24 -19.28 19.06
N THR A 367 35.89 -20.14 18.12
CA THR A 367 36.87 -20.62 17.16
C THR A 367 37.01 -19.62 16.02
N ALA A 368 36.00 -18.79 15.85
CA ALA A 368 35.98 -17.80 14.77
C ALA A 368 36.94 -16.68 15.09
N SER A 369 36.94 -16.26 16.35
CA SER A 369 37.85 -15.21 16.77
C SER A 369 39.27 -15.74 16.66
N GLU A 370 39.51 -16.95 17.15
CA GLU A 370 40.86 -17.49 17.06
C GLU A 370 41.33 -17.47 15.62
N SER A 371 40.45 -17.91 14.72
CA SER A 371 40.73 -17.94 13.29
C SER A 371 40.99 -16.55 12.72
N PHE A 372 40.33 -15.54 13.27
CA PHE A 372 40.56 -14.22 12.74
C PHE A 372 41.99 -13.79 13.07
N MET A 373 42.34 -13.91 14.34
CA MET A 373 43.67 -13.53 14.81
C MET A 373 44.73 -14.13 13.91
N LYS A 374 44.62 -15.42 13.61
CA LYS A 374 45.59 -16.04 12.72
C LYS A 374 45.65 -15.17 11.48
N HIS A 375 44.55 -15.10 10.75
CA HIS A 375 44.48 -14.29 9.54
C HIS A 375 45.13 -12.91 9.67
N MET A 376 44.87 -12.22 10.77
CA MET A 376 45.43 -10.88 11.00
C MET A 376 46.96 -10.97 10.91
N GLN A 377 47.54 -11.94 11.61
CA GLN A 377 48.98 -12.18 11.62
C GLN A 377 49.49 -12.27 10.19
N ASN A 378 48.97 -13.24 9.44
CA ASN A 378 49.38 -13.44 8.05
C ASN A 378 49.20 -12.16 7.25
N GLU A 379 48.13 -11.41 7.55
CA GLU A 379 47.81 -10.16 6.85
C GLU A 379 48.77 -8.98 7.11
N TYR A 380 49.25 -8.82 8.35
CA TYR A 380 50.22 -7.74 8.66
C TYR A 380 51.57 -8.16 8.12
N ARG A 381 51.84 -9.47 8.20
CA ARG A 381 53.07 -10.05 7.69
C ARG A 381 53.00 -9.94 6.16
N ALA A 382 51.84 -10.27 5.60
CA ALA A 382 51.63 -10.21 4.15
C ALA A 382 51.76 -8.81 3.55
N ARG A 383 50.96 -7.87 4.04
CA ARG A 383 51.04 -6.52 3.51
C ARG A 383 51.08 -5.43 4.57
N GLY A 384 51.49 -5.81 5.77
CA GLY A 384 51.60 -4.85 6.86
C GLY A 384 50.37 -3.99 7.02
N GLY A 385 49.34 -4.56 7.62
CA GLY A 385 48.10 -3.83 7.83
C GLY A 385 46.92 -4.75 7.64
N CYS A 386 45.78 -4.37 8.21
CA CYS A 386 44.58 -5.17 8.10
C CYS A 386 43.42 -4.35 8.60
N PRO A 387 42.63 -3.80 7.69
CA PRO A 387 41.49 -3.00 8.13
C PRO A 387 40.59 -3.82 9.08
N ALA A 388 40.28 -3.24 10.23
CA ALA A 388 39.47 -3.95 11.20
C ALA A 388 38.65 -3.03 12.09
N ASP A 389 37.33 -3.20 12.02
CA ASP A 389 36.39 -2.42 12.82
C ASP A 389 36.14 -3.24 14.10
N TRP A 390 36.82 -2.89 15.19
CA TRP A 390 36.68 -3.60 16.45
C TRP A 390 35.21 -3.83 16.81
N ILE A 391 34.45 -2.74 16.86
CA ILE A 391 33.02 -2.77 17.19
C ILE A 391 32.24 -3.88 16.46
N TRP A 392 32.77 -4.35 15.35
CA TRP A 392 32.08 -5.38 14.59
C TRP A 392 32.69 -6.76 14.71
N LEU A 393 34.00 -6.83 14.88
CA LEU A 393 34.65 -8.13 14.96
C LEU A 393 34.54 -8.81 16.32
N VAL A 394 34.18 -8.05 17.35
CA VAL A 394 34.05 -8.68 18.66
C VAL A 394 32.60 -9.13 18.85
N PRO A 395 32.41 -10.41 19.19
CA PRO A 395 31.12 -11.07 19.41
C PRO A 395 30.12 -10.35 20.32
N PRO A 396 28.81 -10.50 20.04
CA PRO A 396 27.71 -9.89 20.81
C PRO A 396 27.65 -10.43 22.24
N VAL A 397 28.33 -11.55 22.48
CA VAL A 397 28.44 -12.16 23.82
C VAL A 397 29.82 -12.77 24.07
N SER A 398 30.25 -12.74 25.32
CA SER A 398 31.56 -13.27 25.74
C SER A 398 32.71 -12.58 25.00
N GLY A 399 32.64 -11.26 24.92
CA GLY A 399 33.66 -10.50 24.22
C GLY A 399 35.06 -10.70 24.75
N SER A 400 35.27 -10.27 25.98
CA SER A 400 36.56 -10.38 26.66
C SER A 400 37.12 -11.81 26.70
N ILE A 401 36.25 -12.82 26.65
CA ILE A 401 36.68 -14.22 26.66
C ILE A 401 37.24 -14.61 25.29
N THR A 402 37.32 -13.64 24.39
CA THR A 402 37.81 -13.90 23.05
C THR A 402 39.13 -13.15 22.82
N PRO A 403 39.93 -13.57 21.83
CA PRO A 403 41.21 -12.94 21.50
C PRO A 403 41.09 -11.54 20.89
N VAL A 404 40.20 -11.38 19.92
CA VAL A 404 40.00 -10.11 19.22
C VAL A 404 39.60 -8.90 20.10
N PHE A 405 39.07 -9.13 21.28
CA PHE A 405 38.68 -8.03 22.14
C PHE A 405 39.86 -7.21 22.61
N HIS A 406 40.93 -7.89 22.97
CA HIS A 406 42.12 -7.23 23.46
C HIS A 406 43.04 -6.76 22.36
N GLN A 407 42.67 -7.04 21.12
CA GLN A 407 43.48 -6.64 19.99
C GLN A 407 43.16 -5.24 19.43
N GLU A 408 44.14 -4.33 19.48
CA GLU A 408 43.93 -2.98 18.95
C GLU A 408 43.93 -3.09 17.44
N MET A 409 43.16 -2.24 16.77
CA MET A 409 43.08 -2.32 15.32
C MET A 409 42.77 -0.99 14.67
N LEU A 410 43.18 -0.86 13.42
CA LEU A 410 42.96 0.35 12.66
C LEU A 410 41.91 0.09 11.61
N ASN A 411 40.97 1.02 11.48
CA ASN A 411 39.92 0.87 10.50
C ASN A 411 40.04 1.96 9.43
N TYR A 412 40.07 1.54 8.17
CA TYR A 412 40.18 2.45 7.03
C TYR A 412 39.70 1.76 5.74
N VAL A 413 39.18 2.56 4.82
CA VAL A 413 38.70 2.05 3.55
C VAL A 413 39.85 2.00 2.55
N LEU A 414 39.99 0.88 1.84
CA LEU A 414 41.03 0.77 0.83
C LEU A 414 40.29 0.57 -0.48
N SER A 415 40.86 -0.27 -1.34
CA SER A 415 40.27 -0.62 -2.63
C SER A 415 41.09 -1.70 -3.34
N PRO A 416 40.42 -2.61 -4.05
CA PRO A 416 38.97 -2.65 -4.19
C PRO A 416 38.28 -2.72 -2.83
N PHE A 417 36.98 -2.48 -2.83
CA PHE A 417 36.24 -2.47 -1.57
C PHE A 417 34.72 -2.59 -1.77
N TYR A 418 34.05 -3.14 -0.75
CA TYR A 418 32.60 -3.33 -0.74
C TYR A 418 31.93 -2.19 0.03
N TYR A 419 31.07 -1.43 -0.63
CA TYR A 419 30.38 -0.29 0.01
C TYR A 419 28.89 -0.53 0.23
N TYR A 420 28.28 0.34 1.01
CA TYR A 420 26.85 0.27 1.27
C TYR A 420 26.24 1.18 0.21
N GLN A 421 24.95 1.47 0.31
CA GLN A 421 24.33 2.37 -0.64
C GLN A 421 22.88 2.64 -0.40
N ILE A 422 22.52 3.93 -0.47
CA ILE A 422 21.16 4.40 -0.27
C ILE A 422 20.09 3.42 -0.73
N GLU A 423 19.08 3.26 0.12
CA GLU A 423 18.00 2.35 -0.19
C GLU A 423 17.44 2.64 -1.56
N PRO A 424 17.33 1.61 -2.40
CA PRO A 424 16.83 1.76 -3.76
C PRO A 424 15.51 2.52 -3.86
N TRP A 425 14.50 2.09 -3.11
CA TRP A 425 13.18 2.74 -3.17
C TRP A 425 13.19 4.23 -2.83
N LYS A 426 14.19 4.67 -2.08
CA LYS A 426 14.27 6.08 -1.73
C LYS A 426 14.57 6.91 -2.97
N THR A 427 15.58 6.50 -3.71
CA THR A 427 15.97 7.21 -4.92
C THR A 427 15.69 6.43 -6.20
N HIS A 428 14.43 6.37 -6.60
CA HIS A 428 14.06 5.66 -7.81
C HIS A 428 12.91 6.28 -8.60
N ILE A 429 13.11 6.37 -9.91
CA ILE A 429 12.14 6.92 -10.84
C ILE A 429 11.12 5.84 -11.21
N TRP A 430 9.94 5.90 -10.61
CA TRP A 430 8.93 4.89 -10.90
C TRP A 430 8.08 5.21 -12.14
N GLN A 431 8.68 5.10 -13.32
CA GLN A 431 7.96 5.40 -14.56
C GLN A 431 6.76 4.49 -14.79
N GLN B 12 -44.43 12.83 -31.37
CA GLN B 12 -45.60 12.86 -30.43
C GLN B 12 -45.16 12.44 -29.02
N TYR B 13 -45.55 11.23 -28.59
CA TYR B 13 -45.19 10.74 -27.26
C TYR B 13 -45.10 9.21 -27.18
N VAL B 14 -44.70 8.70 -26.01
CA VAL B 14 -44.59 7.25 -25.80
C VAL B 14 -45.64 6.80 -24.79
N ARG B 15 -46.29 5.69 -25.07
CA ARG B 15 -47.31 5.18 -24.16
C ARG B 15 -46.69 4.18 -23.19
N ILE B 16 -46.79 4.47 -21.90
CA ILE B 16 -46.27 3.62 -20.83
C ILE B 16 -47.45 3.04 -20.07
N LYS B 17 -47.46 1.73 -19.86
CA LYS B 17 -48.58 1.14 -19.14
C LYS B 17 -48.17 0.56 -17.80
N ASN B 18 -49.13 0.54 -16.86
CA ASN B 18 -48.91 -0.02 -15.54
C ASN B 18 -49.89 -1.18 -15.41
N TRP B 19 -49.36 -2.40 -15.50
CA TRP B 19 -50.17 -3.60 -15.46
C TRP B 19 -50.96 -3.91 -14.21
N GLY B 20 -50.78 -3.11 -13.18
CA GLY B 20 -51.53 -3.34 -11.96
C GLY B 20 -52.89 -2.68 -12.06
N SER B 21 -52.89 -1.36 -12.25
CA SER B 21 -54.12 -0.57 -12.36
C SER B 21 -54.61 -0.48 -13.80
N GLY B 22 -53.70 -0.69 -14.76
CA GLY B 22 -54.08 -0.62 -16.16
C GLY B 22 -54.02 0.81 -16.63
N GLU B 23 -53.67 1.69 -15.71
CA GLU B 23 -53.57 3.10 -16.01
C GLU B 23 -52.50 3.33 -17.07
N ILE B 24 -52.64 4.43 -17.80
CA ILE B 24 -51.69 4.75 -18.87
C ILE B 24 -51.15 6.17 -18.78
N LEU B 25 -49.94 6.37 -19.30
CA LEU B 25 -49.29 7.66 -19.29
C LEU B 25 -48.58 7.88 -20.61
N HIS B 26 -48.20 9.13 -20.89
CA HIS B 26 -47.52 9.44 -22.13
C HIS B 26 -46.26 10.28 -21.85
N ASP B 27 -45.10 9.68 -22.06
CA ASP B 27 -43.85 10.39 -21.78
C ASP B 27 -43.56 11.48 -22.81
N THR B 28 -43.45 12.72 -22.32
CA THR B 28 -43.16 13.87 -23.16
C THR B 28 -41.74 14.32 -22.94
N LEU B 29 -41.33 14.31 -21.67
CA LEU B 29 -40.01 14.74 -21.23
C LEU B 29 -38.85 14.02 -21.93
N HIS B 30 -39.04 12.76 -22.27
CA HIS B 30 -37.97 11.97 -22.91
C HIS B 30 -37.35 12.63 -24.13
N HIS B 31 -38.02 13.68 -24.63
CA HIS B 31 -37.55 14.41 -25.79
C HIS B 31 -36.40 15.33 -25.42
N LYS B 32 -36.44 15.85 -24.18
CA LYS B 32 -35.39 16.73 -23.72
C LYS B 32 -34.16 15.89 -23.42
N ALA B 33 -34.25 14.60 -23.73
CA ALA B 33 -33.16 13.66 -23.50
C ALA B 33 -31.83 14.34 -23.83
N THR B 34 -30.80 14.00 -23.05
CA THR B 34 -29.48 14.59 -23.24
C THR B 34 -28.89 14.17 -24.59
N SER B 35 -27.57 14.03 -24.61
CA SER B 35 -26.84 13.64 -25.81
C SER B 35 -27.28 12.27 -26.29
N ASP B 36 -26.63 11.23 -25.78
CA ASP B 36 -26.96 9.86 -26.15
C ASP B 36 -27.06 8.97 -24.92
N PHE B 37 -27.85 7.91 -25.01
CA PHE B 37 -28.03 7.02 -23.88
C PHE B 37 -27.14 5.77 -23.87
N THR B 38 -27.51 4.80 -23.03
CA THR B 38 -26.74 3.57 -22.85
C THR B 38 -26.89 2.48 -23.91
N CYS B 39 -28.04 2.42 -24.56
CA CYS B 39 -28.27 1.36 -25.54
C CYS B 39 -28.05 1.73 -26.99
N LYS B 40 -27.60 0.73 -27.76
CA LYS B 40 -27.32 0.89 -29.18
C LYS B 40 -28.57 0.84 -30.05
N SER B 41 -28.35 0.67 -31.35
CA SER B 41 -29.42 0.61 -32.35
C SER B 41 -30.04 -0.78 -32.56
N LYS B 42 -29.36 -1.81 -32.08
CA LYS B 42 -29.85 -3.18 -32.21
C LYS B 42 -29.75 -3.91 -30.87
N SER B 43 -28.88 -3.40 -30.00
CA SER B 43 -28.66 -4.00 -28.68
C SER B 43 -29.36 -3.23 -27.56
N CYS B 44 -28.95 -3.54 -26.33
CA CYS B 44 -29.50 -2.91 -25.15
C CYS B 44 -28.64 -3.27 -23.96
N LEU B 45 -28.26 -2.27 -23.17
CA LEU B 45 -27.41 -2.47 -22.00
C LEU B 45 -28.09 -2.05 -20.70
N GLY B 46 -29.43 -1.99 -20.72
CA GLY B 46 -30.16 -1.59 -19.52
C GLY B 46 -29.67 -2.19 -18.20
N SER B 47 -29.02 -3.35 -18.28
CA SER B 47 -28.52 -4.02 -17.09
C SER B 47 -27.02 -3.84 -16.80
N ILE B 48 -26.37 -2.90 -17.47
CA ILE B 48 -24.94 -2.67 -17.19
C ILE B 48 -24.95 -1.71 -16.01
N MET B 49 -24.15 -1.99 -14.99
CA MET B 49 -24.10 -1.13 -13.83
C MET B 49 -23.47 0.24 -14.03
N ASN B 50 -22.24 0.27 -14.54
CA ASN B 50 -21.52 1.52 -14.77
C ASN B 50 -21.24 1.78 -16.25
N PRO B 51 -22.28 2.13 -17.02
CA PRO B 51 -22.10 2.41 -18.46
C PRO B 51 -21.43 3.76 -18.70
N LYS B 52 -20.63 3.84 -19.77
CA LYS B 52 -19.96 5.09 -20.09
C LYS B 52 -20.97 6.20 -20.29
N SER B 53 -22.19 5.82 -20.65
CA SER B 53 -23.27 6.78 -20.89
C SER B 53 -23.73 7.50 -19.63
N LEU B 54 -23.39 6.95 -18.48
CA LEU B 54 -23.77 7.52 -17.18
C LEU B 54 -22.55 7.97 -16.40
N THR B 55 -21.47 8.27 -17.11
CA THR B 55 -20.24 8.68 -16.47
C THR B 55 -19.72 9.97 -17.09
N ARG B 56 -19.14 10.82 -16.27
CA ARG B 56 -18.57 12.09 -16.74
C ARG B 56 -17.17 12.08 -16.13
N GLY B 57 -16.17 11.80 -16.97
CA GLY B 57 -14.81 11.71 -16.49
C GLY B 57 -13.94 12.95 -16.51
N PRO B 58 -12.60 12.76 -16.40
CA PRO B 58 -11.51 13.76 -16.38
C PRO B 58 -11.39 14.74 -17.56
N ARG B 59 -10.65 15.83 -17.32
CA ARG B 59 -10.43 16.87 -18.33
C ARG B 59 -8.95 17.28 -18.39
N ASP B 60 -8.69 18.34 -19.17
CA ASP B 60 -7.35 18.91 -19.34
C ASP B 60 -7.45 20.34 -19.84
N LYS B 61 -8.68 20.73 -20.19
CA LYS B 61 -8.94 22.07 -20.68
C LYS B 61 -10.36 22.47 -20.31
N PRO B 62 -10.60 23.78 -20.16
CA PRO B 62 -11.93 24.26 -19.82
C PRO B 62 -12.89 23.70 -20.85
N THR B 63 -14.17 23.77 -20.53
CA THR B 63 -15.18 23.26 -21.42
C THR B 63 -15.47 24.21 -22.59
N PRO B 64 -15.04 23.82 -23.81
CA PRO B 64 -15.23 24.57 -25.06
C PRO B 64 -16.50 25.40 -25.15
N LEU B 65 -16.31 26.72 -25.06
CA LEU B 65 -17.37 27.72 -25.10
C LEU B 65 -18.60 27.39 -25.93
N GLU B 66 -18.39 26.70 -27.05
CA GLU B 66 -19.49 26.34 -27.94
C GLU B 66 -20.49 25.35 -27.35
N GLU B 67 -19.99 24.42 -26.53
CA GLU B 67 -20.86 23.44 -25.91
C GLU B 67 -21.23 23.88 -24.49
N LEU B 68 -20.52 24.88 -23.98
CA LEU B 68 -20.73 25.43 -22.63
C LEU B 68 -21.83 26.51 -22.61
N LEU B 69 -21.65 27.51 -23.47
CA LEU B 69 -22.58 28.63 -23.55
C LEU B 69 -24.04 28.25 -23.85
N PRO B 70 -24.27 27.33 -24.79
CA PRO B 70 -25.66 26.97 -25.08
C PRO B 70 -26.31 26.24 -23.91
N HIS B 71 -25.50 25.52 -23.15
CA HIS B 71 -25.97 24.78 -21.99
C HIS B 71 -26.28 25.73 -20.83
N ALA B 72 -25.43 26.73 -20.66
CA ALA B 72 -25.63 27.72 -19.61
C ALA B 72 -26.97 28.42 -19.89
N ILE B 73 -27.12 28.89 -21.12
CA ILE B 73 -28.35 29.57 -21.52
C ILE B 73 -29.52 28.66 -21.26
N GLU B 74 -29.32 27.39 -21.58
CA GLU B 74 -30.32 26.34 -21.39
C GLU B 74 -30.86 26.31 -19.96
N PHE B 75 -29.98 26.00 -19.01
CA PHE B 75 -30.36 25.94 -17.61
C PHE B 75 -31.06 27.21 -17.17
N ILE B 76 -30.35 28.32 -17.31
CA ILE B 76 -30.85 29.63 -16.94
C ILE B 76 -32.27 29.89 -17.42
N ASN B 77 -32.61 29.32 -18.56
CA ASN B 77 -33.95 29.50 -19.10
C ASN B 77 -34.96 28.60 -18.38
N GLN B 78 -34.50 27.42 -17.96
CA GLN B 78 -35.32 26.48 -17.23
C GLN B 78 -35.57 27.07 -15.86
N TYR B 79 -34.54 27.74 -15.34
CA TYR B 79 -34.59 28.39 -14.05
C TYR B 79 -35.73 29.41 -13.99
N TYR B 80 -35.57 30.55 -14.67
CA TYR B 80 -36.60 31.60 -14.64
C TYR B 80 -37.97 31.14 -15.10
N GLY B 81 -38.05 29.91 -15.59
CA GLY B 81 -39.33 29.38 -16.03
C GLY B 81 -39.92 28.49 -14.95
N SER B 82 -39.15 28.27 -13.90
CA SER B 82 -39.58 27.41 -12.79
C SER B 82 -40.57 28.03 -11.81
N PHE B 83 -40.47 29.33 -11.57
CA PHE B 83 -41.40 29.98 -10.63
C PHE B 83 -42.52 30.78 -11.28
N LYS B 84 -43.70 30.72 -10.68
CA LYS B 84 -44.90 31.44 -11.15
C LYS B 84 -44.57 32.93 -11.31
N GLU B 85 -45.35 33.64 -12.13
CA GLU B 85 -45.14 35.07 -12.39
C GLU B 85 -43.65 35.36 -12.59
N ALA B 86 -43.14 35.00 -13.76
CA ALA B 86 -41.74 35.18 -14.10
C ALA B 86 -41.17 36.58 -13.92
N LYS B 87 -39.84 36.63 -13.76
CA LYS B 87 -39.08 37.88 -13.62
C LYS B 87 -38.52 38.18 -15.02
N ILE B 88 -39.44 38.28 -15.98
CA ILE B 88 -39.15 38.55 -17.38
C ILE B 88 -37.94 39.44 -17.59
N GLU B 89 -37.77 40.43 -16.72
CA GLU B 89 -36.66 41.35 -16.84
C GLU B 89 -35.34 40.72 -16.37
N GLU B 90 -35.36 40.19 -15.15
CA GLU B 90 -34.18 39.55 -14.58
C GLU B 90 -33.78 38.35 -15.43
N HIS B 91 -34.76 37.76 -16.09
CA HIS B 91 -34.52 36.60 -16.95
C HIS B 91 -33.58 37.00 -18.09
N LEU B 92 -33.94 38.05 -18.83
CA LEU B 92 -33.10 38.54 -19.95
C LEU B 92 -31.82 39.12 -19.37
N ALA B 93 -32.00 39.98 -18.37
CA ALA B 93 -30.89 40.62 -17.68
C ALA B 93 -29.89 39.52 -17.34
N ARG B 94 -30.39 38.47 -16.71
CA ARG B 94 -29.56 37.33 -16.32
C ARG B 94 -29.00 36.70 -17.59
N LEU B 95 -29.89 36.27 -18.48
CA LEU B 95 -29.47 35.64 -19.73
C LEU B 95 -28.32 36.42 -20.35
N GLU B 96 -28.54 37.73 -20.48
CA GLU B 96 -27.55 38.63 -21.05
C GLU B 96 -26.33 38.60 -20.12
N ALA B 97 -26.58 39.00 -18.87
CA ALA B 97 -25.57 39.06 -17.83
C ALA B 97 -24.67 37.84 -17.90
N VAL B 98 -25.29 36.67 -17.81
CA VAL B 98 -24.56 35.42 -17.84
C VAL B 98 -23.77 35.27 -19.14
N THR B 99 -24.47 35.37 -20.27
CA THR B 99 -23.87 35.23 -21.59
C THR B 99 -22.54 35.97 -21.64
N LYS B 100 -22.57 37.23 -21.21
CA LYS B 100 -21.38 38.07 -21.21
C LYS B 100 -20.24 37.52 -20.39
N GLU B 101 -20.54 37.12 -19.14
CA GLU B 101 -19.53 36.57 -18.25
C GLU B 101 -18.91 35.30 -18.83
N ILE B 102 -19.73 34.55 -19.55
CA ILE B 102 -19.33 33.29 -20.18
C ILE B 102 -18.43 33.53 -21.41
N GLU B 103 -18.76 34.52 -22.22
CA GLU B 103 -17.98 34.81 -23.43
C GLU B 103 -16.62 35.45 -23.09
N THR B 104 -16.60 36.22 -22.01
CA THR B 104 -15.40 36.91 -21.55
C THR B 104 -14.33 36.04 -20.87
N THR B 105 -14.74 35.21 -19.92
CA THR B 105 -13.79 34.35 -19.21
C THR B 105 -14.13 32.89 -19.44
N GLY B 106 -15.23 32.66 -20.14
CA GLY B 106 -15.65 31.29 -20.39
C GLY B 106 -16.56 30.82 -19.28
N THR B 107 -15.96 30.26 -18.23
CA THR B 107 -16.72 29.76 -17.10
C THR B 107 -17.57 30.88 -16.49
N TYR B 108 -18.49 30.51 -15.61
CA TYR B 108 -19.34 31.49 -14.96
C TYR B 108 -19.87 30.90 -13.67
N GLN B 109 -20.08 31.77 -12.68
CA GLN B 109 -20.58 31.33 -11.38
C GLN B 109 -22.09 31.34 -11.32
N LEU B 110 -22.63 30.44 -10.50
CA LEU B 110 -24.06 30.31 -10.29
C LEU B 110 -24.46 31.11 -9.07
N THR B 111 -25.65 31.67 -9.08
CA THR B 111 -26.12 32.41 -7.92
C THR B 111 -26.56 31.30 -6.98
N LEU B 112 -26.32 31.47 -5.68
CA LEU B 112 -26.70 30.45 -4.70
C LEU B 112 -28.11 29.90 -4.92
N ASP B 113 -29.06 30.76 -5.28
CA ASP B 113 -30.41 30.29 -5.53
C ASP B 113 -30.49 29.36 -6.76
N GLU B 114 -29.54 29.49 -7.68
CA GLU B 114 -29.52 28.63 -8.87
C GLU B 114 -29.02 27.25 -8.44
N LEU B 115 -27.90 27.23 -7.72
CA LEU B 115 -27.29 25.99 -7.23
C LEU B 115 -28.33 25.18 -6.48
N ILE B 116 -29.20 25.85 -5.75
CA ILE B 116 -30.25 25.13 -5.04
C ILE B 116 -31.09 24.39 -6.08
N PHE B 117 -31.58 25.15 -7.05
CA PHE B 117 -32.42 24.59 -8.09
C PHE B 117 -31.75 23.48 -8.86
N ALA B 118 -30.43 23.57 -8.97
CA ALA B 118 -29.66 22.56 -9.70
C ALA B 118 -29.64 21.21 -9.00
N THR B 119 -29.47 21.23 -7.67
CA THR B 119 -29.41 20.01 -6.87
C THR B 119 -30.79 19.35 -6.72
N LYS B 120 -31.80 20.17 -6.42
CA LYS B 120 -33.17 19.67 -6.25
C LYS B 120 -33.71 19.14 -7.58
N MET B 121 -33.13 19.65 -8.66
CA MET B 121 -33.53 19.22 -9.99
C MET B 121 -32.77 17.95 -10.36
N ALA B 122 -31.45 17.96 -10.17
CA ALA B 122 -30.62 16.79 -10.47
C ALA B 122 -31.13 15.57 -9.70
N TRP B 123 -31.25 15.68 -8.39
CA TRP B 123 -31.77 14.57 -7.61
C TRP B 123 -33.11 14.18 -8.27
N ARG B 124 -33.92 15.16 -8.63
CA ARG B 124 -35.20 14.92 -9.28
C ARG B 124 -35.12 14.08 -10.58
N ASN B 125 -34.02 14.23 -11.33
CA ASN B 125 -33.82 13.48 -12.57
C ASN B 125 -32.83 12.34 -12.32
N ALA B 126 -32.86 11.75 -11.13
CA ALA B 126 -31.96 10.64 -10.84
C ALA B 126 -32.78 9.39 -11.14
N PRO B 127 -32.68 8.91 -12.38
CA PRO B 127 -33.45 7.72 -12.76
C PRO B 127 -33.38 6.53 -11.82
N ARG B 128 -32.40 6.48 -10.92
CA ARG B 128 -32.28 5.32 -10.04
C ARG B 128 -32.77 5.47 -8.59
N CYS B 129 -33.11 6.70 -8.17
CA CYS B 129 -33.59 6.95 -6.80
C CYS B 129 -35.07 6.65 -6.60
N ILE B 130 -35.39 5.84 -5.60
CA ILE B 130 -36.79 5.49 -5.36
C ILE B 130 -37.48 6.44 -4.40
N GLY B 131 -36.72 7.35 -3.81
CA GLY B 131 -37.32 8.28 -2.88
C GLY B 131 -37.33 9.70 -3.41
N ARG B 132 -37.46 9.85 -4.72
CA ARG B 132 -37.45 11.17 -5.32
C ARG B 132 -38.69 11.95 -4.95
N ILE B 133 -39.64 11.31 -4.26
CA ILE B 133 -40.84 12.05 -3.89
C ILE B 133 -40.51 13.15 -2.90
N GLN B 134 -39.31 13.07 -2.31
CA GLN B 134 -38.84 14.05 -1.33
C GLN B 134 -38.08 15.20 -2.00
N TRP B 135 -37.67 14.99 -3.24
CA TRP B 135 -36.88 15.93 -4.04
C TRP B 135 -36.90 17.42 -3.66
N SER B 136 -38.07 17.95 -3.33
CA SER B 136 -38.20 19.37 -2.98
C SER B 136 -37.78 19.68 -1.54
N ASN B 137 -37.30 18.67 -0.83
CA ASN B 137 -36.90 18.77 0.56
C ASN B 137 -35.41 18.51 0.72
N LEU B 138 -34.56 19.47 0.35
CA LEU B 138 -33.13 19.23 0.46
C LEU B 138 -32.40 20.35 1.15
N GLN B 139 -31.24 20.03 1.71
CA GLN B 139 -30.44 21.02 2.40
C GLN B 139 -29.20 21.23 1.55
N VAL B 140 -28.94 22.47 1.19
CA VAL B 140 -27.77 22.75 0.37
C VAL B 140 -26.71 23.49 1.17
N PHE B 141 -25.51 22.92 1.21
CA PHE B 141 -24.37 23.52 1.90
C PHE B 141 -23.38 23.99 0.85
N ASP B 142 -23.26 25.31 0.69
CA ASP B 142 -22.39 25.96 -0.29
C ASP B 142 -20.93 26.06 0.17
N ALA B 143 -20.11 25.10 -0.24
CA ALA B 143 -18.70 25.10 0.13
C ALA B 143 -17.90 25.45 -1.11
N ARG B 144 -18.53 26.22 -2.00
CA ARG B 144 -17.92 26.63 -3.26
C ARG B 144 -16.66 27.48 -3.08
N ASN B 145 -16.21 27.63 -1.85
CA ASN B 145 -15.03 28.44 -1.61
C ASN B 145 -13.98 27.69 -0.81
N CYS B 146 -14.16 26.37 -0.67
CA CYS B 146 -13.20 25.57 0.07
C CYS B 146 -11.88 25.73 -0.68
N SER B 147 -10.80 25.15 -0.17
CA SER B 147 -9.52 25.27 -0.87
C SER B 147 -8.48 24.37 -0.25
N THR B 148 -8.84 23.74 0.86
CA THR B 148 -7.91 22.83 1.53
C THR B 148 -8.60 21.54 1.94
N ALA B 149 -7.83 20.46 2.01
CA ALA B 149 -8.38 19.18 2.41
C ALA B 149 -9.09 19.43 3.75
N GLN B 150 -8.35 20.01 4.70
CA GLN B 150 -8.87 20.36 6.02
C GLN B 150 -10.22 21.07 5.95
N GLU B 151 -10.38 21.99 5.01
CA GLU B 151 -11.64 22.70 4.88
C GLU B 151 -12.74 21.75 4.42
N MET B 152 -12.37 20.79 3.57
CA MET B 152 -13.32 19.79 3.09
C MET B 152 -13.75 18.90 4.27
N PHE B 153 -12.75 18.29 4.91
CA PHE B 153 -12.97 17.42 6.06
C PHE B 153 -13.85 18.09 7.11
N GLN B 154 -13.91 19.42 7.07
CA GLN B 154 -14.73 20.14 8.03
C GLN B 154 -16.15 20.33 7.51
N HIS B 155 -16.29 20.66 6.24
CA HIS B 155 -17.62 20.86 5.64
C HIS B 155 -18.38 19.55 5.69
N ILE B 156 -17.64 18.46 5.53
CA ILE B 156 -18.24 17.14 5.55
C ILE B 156 -18.77 16.82 6.94
N CYS B 157 -17.91 16.98 7.96
CA CYS B 157 -18.34 16.71 9.32
C CYS B 157 -19.62 17.48 9.56
N ARG B 158 -19.64 18.75 9.15
CA ARG B 158 -20.84 19.57 9.32
C ARG B 158 -22.04 18.82 8.72
N HIS B 159 -21.82 18.24 7.55
CA HIS B 159 -22.83 17.49 6.82
C HIS B 159 -23.23 16.21 7.56
N ILE B 160 -22.29 15.28 7.69
CA ILE B 160 -22.57 14.01 8.39
C ILE B 160 -23.38 14.34 9.60
N LEU B 161 -22.96 15.40 10.29
CA LEU B 161 -23.60 15.89 11.50
C LEU B 161 -25.01 16.49 11.30
N TYR B 162 -25.21 17.33 10.28
CA TYR B 162 -26.52 17.95 10.04
C TYR B 162 -27.57 16.91 9.68
N ALA B 163 -27.15 15.99 8.81
CA ALA B 163 -28.01 14.94 8.31
C ALA B 163 -28.26 13.81 9.27
N THR B 164 -27.41 13.64 10.28
CA THR B 164 -27.65 12.55 11.21
C THR B 164 -28.77 12.90 12.16
N ASN B 165 -28.74 14.14 12.64
CA ASN B 165 -29.71 14.73 13.55
C ASN B 165 -30.30 13.81 14.62
N ASN B 166 -29.41 13.17 15.38
CA ASN B 166 -29.80 12.28 16.49
C ASN B 166 -30.65 11.07 16.08
N GLY B 167 -30.60 10.68 14.82
CA GLY B 167 -31.41 9.55 14.38
C GLY B 167 -32.58 9.97 13.50
N ASN B 168 -32.91 11.26 13.49
CA ASN B 168 -33.99 11.75 12.65
C ASN B 168 -33.31 12.29 11.39
N ILE B 169 -32.97 11.39 10.47
CA ILE B 169 -32.25 11.76 9.27
C ILE B 169 -32.81 12.86 8.39
N ARG B 170 -31.91 13.73 7.92
CA ARG B 170 -32.26 14.82 7.04
C ARG B 170 -31.40 14.76 5.78
N SER B 171 -32.01 15.08 4.65
CA SER B 171 -31.31 15.08 3.36
C SER B 171 -30.54 16.39 3.21
N ALA B 172 -29.29 16.26 2.79
CA ALA B 172 -28.44 17.42 2.58
C ALA B 172 -27.48 17.14 1.42
N ILE B 173 -26.70 18.14 1.07
CA ILE B 173 -25.72 18.07 0.00
C ILE B 173 -24.70 19.17 0.26
N THR B 174 -23.45 18.88 -0.05
CA THR B 174 -22.38 19.84 0.13
C THR B 174 -21.68 20.00 -1.20
N VAL B 175 -22.00 21.09 -1.88
CA VAL B 175 -21.41 21.40 -3.17
C VAL B 175 -20.05 22.05 -2.93
N PHE B 176 -19.00 21.47 -3.50
CA PHE B 176 -17.67 22.02 -3.35
C PHE B 176 -17.28 22.83 -4.61
N PRO B 177 -16.05 23.38 -4.64
CA PRO B 177 -15.63 24.17 -5.80
C PRO B 177 -15.87 23.46 -7.14
N GLN B 178 -16.43 24.19 -8.10
CA GLN B 178 -16.70 23.61 -9.42
C GLN B 178 -15.42 23.27 -10.17
N ARG B 179 -15.61 22.96 -11.44
CA ARG B 179 -14.50 22.60 -12.30
C ARG B 179 -13.99 23.85 -13.02
N SER B 180 -12.68 23.93 -13.17
CA SER B 180 -12.06 25.03 -13.86
C SER B 180 -11.51 24.44 -15.16
N ASP B 181 -10.33 23.84 -15.06
CA ASP B 181 -9.68 23.21 -16.20
C ASP B 181 -9.76 21.71 -16.00
N GLY B 182 -8.69 21.14 -15.48
CA GLY B 182 -8.62 19.72 -15.24
C GLY B 182 -7.91 19.43 -13.94
N LYS B 183 -6.59 19.60 -13.93
CA LYS B 183 -5.80 19.30 -12.74
C LYS B 183 -6.19 20.14 -11.53
N HIS B 184 -7.40 20.70 -11.56
CA HIS B 184 -7.89 21.51 -10.47
C HIS B 184 -9.22 21.01 -9.89
N ASP B 185 -9.37 19.69 -9.87
CA ASP B 185 -10.57 19.04 -9.37
C ASP B 185 -10.58 18.73 -7.88
N PHE B 186 -11.76 18.89 -7.26
CA PHE B 186 -11.95 18.56 -5.86
C PHE B 186 -12.59 17.17 -5.90
N ARG B 187 -11.99 16.22 -5.18
CA ARG B 187 -12.53 14.87 -5.20
C ARG B 187 -12.52 14.12 -3.88
N LEU B 188 -13.64 13.45 -3.59
CA LEU B 188 -13.77 12.62 -2.41
C LEU B 188 -13.45 11.24 -2.98
N TRP B 189 -12.35 10.67 -2.53
CA TRP B 189 -11.90 9.38 -3.04
C TRP B 189 -12.73 8.19 -2.59
N ASN B 190 -13.54 8.36 -1.55
CA ASN B 190 -14.36 7.27 -1.05
C ASN B 190 -15.62 7.11 -1.91
N SER B 191 -16.33 6.01 -1.69
CA SER B 191 -17.56 5.73 -2.43
C SER B 191 -18.71 6.42 -1.70
N GLN B 192 -18.74 6.25 -0.38
CA GLN B 192 -19.74 6.86 0.46
C GLN B 192 -19.04 7.47 1.67
N LEU B 193 -19.73 8.41 2.33
CA LEU B 193 -19.22 9.08 3.52
C LEU B 193 -18.85 8.08 4.60
N ILE B 194 -19.83 7.38 5.16
CA ILE B 194 -19.57 6.36 6.17
C ILE B 194 -19.67 5.01 5.46
N ARG B 195 -18.81 4.08 5.82
CA ARG B 195 -18.79 2.77 5.19
C ARG B 195 -17.68 1.94 5.84
N TYR B 196 -18.00 0.71 6.23
CA TYR B 196 -17.04 -0.19 6.87
C TYR B 196 -15.97 -0.69 5.94
N ALA B 197 -14.84 -1.10 6.50
CA ALA B 197 -13.72 -1.61 5.70
C ALA B 197 -13.62 -3.12 5.75
N GLY B 198 -13.03 -3.69 4.72
CA GLY B 198 -12.88 -5.13 4.67
C GLY B 198 -11.44 -5.54 4.42
N TYR B 199 -10.94 -6.46 5.23
CA TYR B 199 -9.58 -6.93 5.08
C TYR B 199 -9.61 -8.36 4.58
N GLN B 200 -8.52 -8.81 3.99
CA GLN B 200 -8.42 -10.19 3.51
C GLN B 200 -7.53 -10.95 4.48
N MET B 201 -8.08 -11.21 5.67
CA MET B 201 -7.41 -11.92 6.75
C MET B 201 -6.47 -13.03 6.27
N PRO B 202 -5.60 -13.52 7.18
CA PRO B 202 -4.66 -14.58 6.81
C PRO B 202 -5.36 -15.92 6.51
N ASP B 203 -6.16 -16.39 7.47
CA ASP B 203 -6.89 -17.66 7.36
C ASP B 203 -7.69 -17.87 6.06
N GLY B 204 -7.50 -16.98 5.08
CA GLY B 204 -8.20 -17.10 3.81
C GLY B 204 -9.54 -16.39 3.77
N THR B 205 -10.10 -16.13 4.96
CA THR B 205 -11.38 -15.45 5.07
C THR B 205 -11.23 -13.94 4.91
N ILE B 206 -12.37 -13.26 4.82
CA ILE B 206 -12.40 -11.80 4.70
C ILE B 206 -13.22 -11.23 5.85
N ARG B 207 -12.76 -10.13 6.42
CA ARG B 207 -13.47 -9.50 7.52
C ARG B 207 -14.18 -8.26 7.00
N GLY B 208 -15.18 -7.81 7.75
CA GLY B 208 -15.92 -6.62 7.36
C GLY B 208 -16.58 -6.62 5.98
N ASP B 209 -16.61 -5.44 5.37
CA ASP B 209 -17.22 -5.26 4.06
C ASP B 209 -16.26 -5.71 2.94
N ALA B 210 -16.56 -6.86 2.34
CA ALA B 210 -15.73 -7.38 1.28
C ALA B 210 -15.75 -6.48 0.04
N ALA B 211 -16.81 -5.68 -0.06
CA ALA B 211 -16.95 -4.78 -1.19
C ALA B 211 -15.87 -3.71 -1.22
N THR B 212 -15.39 -3.30 -0.04
CA THR B 212 -14.39 -2.24 0.04
C THR B 212 -12.92 -2.69 0.23
N LEU B 213 -12.60 -3.92 -0.19
CA LEU B 213 -11.23 -4.40 -0.06
C LEU B 213 -10.18 -3.50 -0.71
N GLU B 214 -10.38 -3.20 -1.99
CA GLU B 214 -9.42 -2.37 -2.70
C GLU B 214 -9.17 -1.04 -2.00
N PHE B 215 -10.24 -0.31 -1.67
CA PHE B 215 -10.11 0.98 -1.00
C PHE B 215 -9.44 0.82 0.36
N THR B 216 -9.80 -0.23 1.09
CA THR B 216 -9.22 -0.44 2.40
C THR B 216 -7.71 -0.60 2.33
N GLN B 217 -7.23 -1.17 1.24
CA GLN B 217 -5.79 -1.35 1.07
C GLN B 217 -5.14 0.01 0.88
N LEU B 218 -5.56 0.70 -0.17
CA LEU B 218 -5.02 2.02 -0.48
C LEU B 218 -4.98 2.88 0.79
N CYS B 219 -5.98 2.72 1.65
CA CYS B 219 -6.05 3.48 2.89
C CYS B 219 -4.89 3.10 3.80
N ILE B 220 -4.56 1.81 3.85
CA ILE B 220 -3.46 1.35 4.68
C ILE B 220 -2.19 1.94 4.06
N ASP B 221 -2.16 1.96 2.74
CA ASP B 221 -1.02 2.49 2.01
C ASP B 221 -0.80 3.99 2.26
N LEU B 222 -1.89 4.73 2.45
CA LEU B 222 -1.79 6.18 2.68
C LEU B 222 -1.74 6.56 4.16
N GLY B 223 -1.33 5.62 5.00
CA GLY B 223 -1.21 5.90 6.43
C GLY B 223 -2.40 5.68 7.34
N TRP B 224 -3.27 4.73 7.00
CA TRP B 224 -4.42 4.46 7.84
C TRP B 224 -4.08 3.26 8.72
N LYS B 225 -4.37 3.37 10.01
CA LYS B 225 -4.07 2.28 10.94
C LYS B 225 -5.25 1.33 10.99
N PRO B 226 -5.17 0.21 10.26
CA PRO B 226 -6.28 -0.76 10.27
C PRO B 226 -6.55 -1.32 11.65
N ARG B 227 -7.76 -1.11 12.16
CA ARG B 227 -8.11 -1.64 13.48
C ARG B 227 -8.45 -3.12 13.35
N TYR B 228 -8.43 -3.62 12.12
CA TYR B 228 -8.73 -5.02 11.84
C TYR B 228 -9.93 -5.51 12.64
N GLY B 229 -11.12 -5.36 12.06
CA GLY B 229 -12.35 -5.79 12.72
C GLY B 229 -13.46 -6.04 11.70
N ARG B 230 -14.70 -6.10 12.15
CA ARG B 230 -15.82 -6.33 11.22
C ARG B 230 -16.61 -5.06 10.92
N PHE B 231 -16.44 -4.05 11.75
CA PHE B 231 -17.17 -2.81 11.56
C PHE B 231 -16.29 -1.58 11.79
N ASP B 232 -15.20 -1.44 11.04
CA ASP B 232 -14.33 -0.28 11.21
C ASP B 232 -14.64 0.77 10.16
N VAL B 233 -15.07 1.95 10.59
CA VAL B 233 -15.41 3.02 9.65
C VAL B 233 -14.17 3.46 8.90
N LEU B 234 -14.23 3.44 7.58
CA LEU B 234 -13.10 3.85 6.75
C LEU B 234 -12.80 5.33 6.91
N PRO B 235 -11.61 5.77 6.48
CA PRO B 235 -11.24 7.18 6.60
C PRO B 235 -11.71 8.05 5.43
N LEU B 236 -12.22 9.23 5.75
CA LEU B 236 -12.65 10.16 4.73
C LEU B 236 -11.31 10.51 4.09
N VAL B 237 -11.19 10.33 2.77
CA VAL B 237 -9.94 10.64 2.05
C VAL B 237 -10.23 11.65 0.95
N LEU B 238 -9.86 12.90 1.17
CA LEU B 238 -10.14 13.93 0.18
C LEU B 238 -8.92 14.56 -0.48
N GLN B 239 -9.16 15.18 -1.62
CA GLN B 239 -8.14 15.87 -2.40
C GLN B 239 -8.76 17.19 -2.83
N ALA B 240 -8.15 18.30 -2.41
CA ALA B 240 -8.65 19.63 -2.74
C ALA B 240 -7.90 20.26 -3.91
N ASP B 241 -8.62 21.06 -4.68
CA ASP B 241 -8.07 21.75 -5.84
C ASP B 241 -7.46 20.76 -6.84
N GLY B 242 -6.37 20.10 -6.46
CA GLY B 242 -5.76 19.15 -7.36
C GLY B 242 -4.60 18.45 -6.70
N GLN B 243 -4.31 18.85 -5.47
CA GLN B 243 -3.21 18.26 -4.71
C GLN B 243 -3.37 16.75 -4.61
N ASP B 244 -2.73 16.17 -3.61
CA ASP B 244 -2.84 14.72 -3.42
C ASP B 244 -3.89 14.48 -2.37
N PRO B 245 -4.42 13.25 -2.33
CA PRO B 245 -5.44 12.91 -1.34
C PRO B 245 -4.92 12.95 0.10
N GLU B 246 -5.73 13.50 0.99
CA GLU B 246 -5.37 13.56 2.41
C GLU B 246 -6.33 12.70 3.23
N VAL B 247 -5.75 11.85 4.07
CA VAL B 247 -6.51 10.93 4.90
C VAL B 247 -6.99 11.59 6.20
N PHE B 248 -8.23 11.31 6.57
CA PHE B 248 -8.83 11.84 7.79
C PHE B 248 -9.71 10.80 8.49
N GLU B 249 -9.54 10.68 9.80
CA GLU B 249 -10.32 9.74 10.61
C GLU B 249 -11.65 10.42 10.90
N ILE B 250 -12.75 9.70 10.69
CA ILE B 250 -14.06 10.28 10.94
C ILE B 250 -14.38 10.16 12.43
N PRO B 251 -14.58 11.30 13.09
CA PRO B 251 -14.89 11.38 14.53
C PRO B 251 -15.99 10.41 14.95
N PRO B 252 -15.63 9.37 15.72
CA PRO B 252 -16.64 8.40 16.16
C PRO B 252 -17.91 9.03 16.69
N ASP B 253 -17.80 10.18 17.34
CA ASP B 253 -18.99 10.84 17.85
C ASP B 253 -19.98 11.28 16.74
N LEU B 254 -19.55 11.24 15.48
CA LEU B 254 -20.40 11.66 14.37
C LEU B 254 -21.03 10.49 13.64
N VAL B 255 -20.52 9.29 13.86
CA VAL B 255 -21.11 8.13 13.21
C VAL B 255 -22.12 7.41 14.10
N LEU B 256 -23.41 7.61 13.82
CA LEU B 256 -24.48 6.98 14.56
C LEU B 256 -24.69 5.56 14.02
N GLU B 257 -25.04 4.62 14.90
CA GLU B 257 -25.25 3.25 14.48
C GLU B 257 -26.39 2.54 15.18
N VAL B 258 -26.92 1.53 14.50
CA VAL B 258 -28.02 0.73 14.99
C VAL B 258 -27.53 -0.69 15.16
N THR B 259 -27.80 -1.26 16.34
CA THR B 259 -27.42 -2.63 16.63
C THR B 259 -28.57 -3.51 16.21
N MET B 260 -28.21 -4.59 15.53
CA MET B 260 -29.21 -5.50 15.02
C MET B 260 -29.73 -6.52 16.02
N GLU B 261 -31.03 -6.45 16.30
CA GLU B 261 -31.67 -7.38 17.21
C GLU B 261 -33.09 -7.71 16.72
N HIS B 262 -33.40 -9.01 16.71
CA HIS B 262 -34.69 -9.50 16.27
C HIS B 262 -35.67 -9.48 17.43
N PRO B 263 -36.94 -9.08 17.18
CA PRO B 263 -38.02 -8.98 18.18
C PRO B 263 -38.62 -10.29 18.72
N LYS B 264 -38.09 -11.44 18.31
CA LYS B 264 -38.56 -12.74 18.79
C LYS B 264 -37.35 -13.65 18.95
N TYR B 265 -36.48 -13.67 17.96
CA TYR B 265 -35.30 -14.50 18.03
C TYR B 265 -34.31 -13.70 18.88
N GLU B 266 -34.16 -14.14 20.12
CA GLU B 266 -33.26 -13.48 21.06
C GLU B 266 -31.80 -13.74 20.72
N TRP B 267 -31.55 -14.86 20.06
CA TRP B 267 -30.20 -15.25 19.65
C TRP B 267 -29.65 -14.34 18.56
N PHE B 268 -30.51 -13.58 17.91
CA PHE B 268 -30.07 -12.69 16.84
C PHE B 268 -28.98 -11.75 17.38
N GLN B 269 -29.22 -11.18 18.56
CA GLN B 269 -28.25 -10.30 19.20
C GLN B 269 -26.90 -10.96 19.25
N GLU B 270 -26.90 -12.22 19.67
CA GLU B 270 -25.68 -13.01 19.74
C GLU B 270 -24.89 -12.95 18.44
N LEU B 271 -25.55 -12.56 17.35
CA LEU B 271 -24.86 -12.44 16.09
C LEU B 271 -23.97 -11.20 16.17
N GLY B 272 -24.38 -10.25 17.00
CA GLY B 272 -23.64 -9.01 17.16
C GLY B 272 -23.41 -8.28 15.84
N LEU B 273 -24.49 -8.07 15.09
CA LEU B 273 -24.39 -7.34 13.83
C LEU B 273 -24.78 -5.89 14.13
N LYS B 274 -24.37 -4.96 13.27
CA LYS B 274 -24.70 -3.56 13.48
C LYS B 274 -24.50 -2.85 12.14
N TRP B 275 -24.92 -1.60 12.05
CA TRP B 275 -24.76 -0.87 10.82
C TRP B 275 -24.99 0.62 11.04
N TYR B 276 -24.41 1.45 10.18
CA TYR B 276 -24.57 2.90 10.29
C TYR B 276 -25.90 3.34 9.69
N ALA B 277 -26.44 4.41 10.27
CA ALA B 277 -27.71 4.98 9.90
C ALA B 277 -27.69 5.84 8.65
N LEU B 278 -26.63 6.63 8.50
CA LEU B 278 -26.49 7.58 7.39
C LEU B 278 -25.93 7.10 6.05
N PRO B 279 -26.75 7.16 4.98
CA PRO B 279 -26.31 6.74 3.64
C PRO B 279 -25.96 7.99 2.80
N ALA B 280 -24.68 8.16 2.48
CA ALA B 280 -24.26 9.31 1.70
C ALA B 280 -23.34 8.90 0.55
N VAL B 281 -23.62 9.40 -0.64
CA VAL B 281 -22.81 9.11 -1.82
C VAL B 281 -21.76 10.21 -1.86
N ALA B 282 -20.50 9.83 -1.92
CA ALA B 282 -19.43 10.82 -1.93
C ALA B 282 -18.66 10.95 -3.24
N ASN B 283 -18.82 9.98 -4.14
CA ASN B 283 -18.07 10.01 -5.40
C ASN B 283 -18.76 10.41 -6.70
N MET B 284 -19.98 10.95 -6.65
CA MET B 284 -20.65 11.32 -7.88
C MET B 284 -20.49 12.79 -8.27
N LEU B 285 -20.56 13.07 -9.58
CA LEU B 285 -20.40 14.42 -10.12
C LEU B 285 -21.72 15.08 -10.49
N LEU B 286 -21.80 16.38 -10.23
CA LEU B 286 -22.98 17.16 -10.56
C LEU B 286 -22.72 18.04 -11.77
N GLU B 287 -23.62 17.99 -12.73
CA GLU B 287 -23.52 18.79 -13.93
C GLU B 287 -24.81 19.59 -14.06
N VAL B 288 -24.66 20.90 -14.19
CA VAL B 288 -25.79 21.80 -14.36
C VAL B 288 -25.32 22.87 -15.34
N GLY B 289 -26.27 23.44 -16.08
CA GLY B 289 -25.98 24.48 -17.06
C GLY B 289 -24.59 24.52 -17.67
N GLY B 290 -23.97 23.38 -17.91
CA GLY B 290 -22.66 23.44 -18.52
C GLY B 290 -21.49 23.31 -17.57
N LEU B 291 -21.69 23.59 -16.29
CA LEU B 291 -20.57 23.45 -15.36
C LEU B 291 -20.68 22.09 -14.71
N GLU B 292 -19.56 21.60 -14.18
CA GLU B 292 -19.53 20.31 -13.53
C GLU B 292 -18.72 20.24 -12.24
N PHE B 293 -19.41 19.92 -11.13
CA PHE B 293 -18.78 19.80 -9.83
C PHE B 293 -18.44 18.32 -9.57
N PRO B 294 -17.13 17.98 -9.54
CA PRO B 294 -16.64 16.62 -9.31
C PRO B 294 -16.64 16.21 -7.85
N ALA B 295 -17.23 17.04 -7.01
CA ALA B 295 -17.29 16.75 -5.59
C ALA B 295 -18.50 17.40 -4.97
N CYS B 296 -19.50 16.60 -4.62
CA CYS B 296 -20.68 17.15 -3.97
C CYS B 296 -21.42 16.03 -3.28
N PRO B 297 -20.87 15.56 -2.15
CA PRO B 297 -21.51 14.48 -1.41
C PRO B 297 -22.97 14.78 -0.99
N PHE B 298 -23.84 13.81 -1.17
CA PHE B 298 -25.25 13.94 -0.81
C PHE B 298 -25.81 12.69 -0.11
N ASN B 299 -26.88 12.90 0.66
CA ASN B 299 -27.49 11.83 1.42
C ASN B 299 -29.00 11.94 1.56
N GLY B 300 -29.60 10.81 1.88
CA GLY B 300 -31.02 10.70 2.11
C GLY B 300 -31.04 9.65 3.21
N TRP B 301 -32.08 8.83 3.32
CA TRP B 301 -32.06 7.82 4.35
C TRP B 301 -32.25 6.42 3.79
N TYR B 302 -32.17 5.42 4.66
CA TYR B 302 -32.25 4.02 4.25
C TYR B 302 -33.58 3.35 3.97
N MET B 303 -33.53 2.33 3.12
CA MET B 303 -34.69 1.50 2.83
C MET B 303 -34.21 0.14 3.32
N GLY B 304 -34.89 -0.37 4.34
CA GLY B 304 -34.52 -1.63 4.98
C GLY B 304 -33.78 -2.68 4.19
N THR B 305 -34.37 -3.09 3.08
CA THR B 305 -33.78 -4.15 2.26
C THR B 305 -32.35 -3.88 1.84
N GLU B 306 -31.95 -2.61 1.82
CA GLU B 306 -30.58 -2.24 1.45
C GLU B 306 -29.58 -2.93 2.37
N ILE B 307 -29.84 -2.88 3.67
CA ILE B 307 -28.94 -3.52 4.61
C ILE B 307 -29.30 -4.99 4.75
N GLY B 308 -30.53 -5.27 5.13
CA GLY B 308 -30.93 -6.65 5.32
C GLY B 308 -30.82 -7.59 4.14
N VAL B 309 -30.92 -7.08 2.92
CA VAL B 309 -30.85 -7.99 1.78
C VAL B 309 -29.54 -7.92 1.01
N ARG B 310 -29.07 -6.68 0.80
CA ARG B 310 -27.84 -6.45 0.06
C ARG B 310 -26.60 -6.55 0.92
N ASP B 311 -26.41 -5.57 1.79
CA ASP B 311 -25.23 -5.54 2.64
C ASP B 311 -25.02 -6.81 3.47
N PHE B 312 -26.08 -7.35 4.08
CA PHE B 312 -25.95 -8.56 4.90
C PHE B 312 -26.06 -9.88 4.13
N CYS B 313 -26.69 -9.87 2.94
CA CYS B 313 -26.88 -11.14 2.23
C CYS B 313 -26.18 -11.46 0.90
N ASP B 314 -25.68 -10.46 0.18
CA ASP B 314 -24.98 -10.76 -1.07
C ASP B 314 -23.81 -11.64 -0.65
N THR B 315 -23.35 -12.53 -1.52
CA THR B 315 -22.20 -13.37 -1.14
C THR B 315 -20.96 -12.50 -1.12
N GLN B 316 -21.03 -11.38 -1.84
CA GLN B 316 -19.93 -10.44 -1.97
C GLN B 316 -19.85 -9.41 -0.84
N ARG B 317 -20.60 -9.61 0.24
CA ARG B 317 -20.59 -8.66 1.34
C ARG B 317 -20.46 -9.36 2.69
N TYR B 318 -21.46 -9.17 3.56
CA TYR B 318 -21.44 -9.78 4.88
C TYR B 318 -21.98 -11.19 4.95
N ASN B 319 -22.31 -11.75 3.79
CA ASN B 319 -22.81 -13.12 3.65
C ASN B 319 -23.23 -13.82 4.97
N ILE B 320 -24.45 -13.58 5.43
CA ILE B 320 -24.90 -14.19 6.69
C ILE B 320 -26.13 -15.12 6.53
N LEU B 321 -26.57 -15.32 5.30
CA LEU B 321 -27.75 -16.13 5.03
C LEU B 321 -27.73 -17.53 5.63
N GLU B 322 -26.67 -18.29 5.39
CA GLU B 322 -26.61 -19.64 5.99
C GLU B 322 -26.58 -19.61 7.51
N GLU B 323 -25.66 -18.83 8.05
CA GLU B 323 -25.51 -18.66 9.48
C GLU B 323 -26.89 -18.46 10.11
N VAL B 324 -27.68 -17.58 9.51
CA VAL B 324 -29.03 -17.27 9.99
C VAL B 324 -30.04 -18.36 9.65
N GLY B 325 -29.67 -19.23 8.71
CA GLY B 325 -30.56 -20.31 8.32
C GLY B 325 -30.52 -21.46 9.31
N ARG B 326 -29.32 -21.90 9.65
CA ARG B 326 -29.15 -23.00 10.59
C ARG B 326 -29.76 -22.67 11.95
N ARG B 327 -29.53 -21.47 12.43
CA ARG B 327 -30.06 -21.03 13.73
C ARG B 327 -31.57 -20.94 13.76
N MET B 328 -32.20 -20.94 12.59
CA MET B 328 -33.65 -20.88 12.49
C MET B 328 -34.16 -22.32 12.44
N GLY B 329 -33.21 -23.24 12.28
CA GLY B 329 -33.50 -24.66 12.21
C GLY B 329 -34.19 -25.05 10.94
N LEU B 330 -33.85 -24.39 9.84
CA LEU B 330 -34.45 -24.68 8.54
C LEU B 330 -33.55 -25.63 7.74
N GLU B 331 -34.11 -26.26 6.70
CA GLU B 331 -33.33 -27.18 5.88
C GLU B 331 -32.31 -26.47 5.00
N THR B 332 -31.26 -25.92 5.60
CA THR B 332 -30.24 -25.19 4.85
C THR B 332 -29.49 -25.98 3.78
N HIS B 333 -29.88 -27.22 3.54
CA HIS B 333 -29.21 -28.02 2.52
C HIS B 333 -30.16 -28.45 1.40
N THR B 334 -31.43 -28.06 1.53
CA THR B 334 -32.43 -28.41 0.53
C THR B 334 -33.01 -27.16 -0.11
N LEU B 335 -32.21 -26.54 -0.96
CA LEU B 335 -32.57 -25.32 -1.70
C LEU B 335 -34.08 -25.15 -2.02
N ALA B 336 -34.72 -26.22 -2.46
CA ALA B 336 -36.15 -26.17 -2.78
C ALA B 336 -37.03 -25.92 -1.56
N SER B 337 -36.45 -25.97 -0.37
CA SER B 337 -37.21 -25.74 0.86
C SER B 337 -37.47 -24.26 1.09
N LEU B 338 -36.93 -23.44 0.20
CA LEU B 338 -37.11 -21.99 0.30
C LEU B 338 -36.64 -21.39 1.64
N TRP B 339 -35.68 -22.04 2.29
CA TRP B 339 -35.17 -21.55 3.57
C TRP B 339 -34.55 -20.18 3.41
N LYS B 340 -33.93 -19.95 2.26
CA LYS B 340 -33.32 -18.65 2.02
C LYS B 340 -34.36 -17.53 2.06
N ASP B 341 -35.58 -17.83 1.62
CA ASP B 341 -36.66 -16.85 1.61
C ASP B 341 -37.12 -16.59 3.03
N ARG B 342 -37.37 -17.67 3.74
CA ARG B 342 -37.79 -17.61 5.12
C ARG B 342 -36.78 -16.76 5.93
N ALA B 343 -35.50 -17.16 5.83
CA ALA B 343 -34.40 -16.48 6.53
C ALA B 343 -34.27 -14.98 6.26
N VAL B 344 -34.00 -14.65 5.00
CA VAL B 344 -33.81 -13.25 4.65
C VAL B 344 -34.95 -12.34 5.12
N THR B 345 -36.19 -12.83 5.09
CA THR B 345 -37.29 -12.00 5.55
C THR B 345 -37.07 -11.66 7.01
N GLU B 346 -36.67 -12.66 7.81
CA GLU B 346 -36.44 -12.41 9.22
C GLU B 346 -35.34 -11.38 9.43
N ILE B 347 -34.26 -11.52 8.68
CA ILE B 347 -33.15 -10.58 8.80
C ILE B 347 -33.71 -9.19 8.52
N ASN B 348 -34.58 -9.08 7.51
CA ASN B 348 -35.19 -7.80 7.15
C ASN B 348 -36.01 -7.21 8.28
N VAL B 349 -36.87 -8.00 8.91
CA VAL B 349 -37.67 -7.48 10.01
C VAL B 349 -36.78 -7.08 11.22
N ALA B 350 -35.60 -7.70 11.32
CA ALA B 350 -34.69 -7.36 12.40
C ALA B 350 -34.20 -5.92 12.15
N VAL B 351 -33.72 -5.65 10.93
CA VAL B 351 -33.22 -4.33 10.58
C VAL B 351 -34.31 -3.33 10.83
N LEU B 352 -35.49 -3.63 10.26
CA LEU B 352 -36.62 -2.73 10.39
C LEU B 352 -36.91 -2.48 11.83
N HIS B 353 -37.05 -3.56 12.58
CA HIS B 353 -37.31 -3.49 14.01
C HIS B 353 -36.30 -2.60 14.76
N SER B 354 -35.01 -2.95 14.66
CA SER B 354 -33.95 -2.23 15.33
C SER B 354 -33.92 -0.71 15.08
N PHE B 355 -33.92 -0.32 13.81
CA PHE B 355 -33.91 1.10 13.48
C PHE B 355 -35.12 1.73 14.15
N GLN B 356 -36.24 1.00 14.15
CA GLN B 356 -37.47 1.48 14.76
C GLN B 356 -37.29 1.69 16.27
N LYS B 357 -36.72 0.69 16.91
CA LYS B 357 -36.48 0.69 18.34
C LYS B 357 -35.57 1.80 18.77
N GLN B 358 -34.43 1.97 18.09
CA GLN B 358 -33.47 3.00 18.47
C GLN B 358 -33.75 4.37 17.87
N ASN B 359 -34.94 4.54 17.33
CA ASN B 359 -35.35 5.80 16.73
C ASN B 359 -34.53 6.42 15.59
N VAL B 360 -34.06 5.57 14.69
CA VAL B 360 -33.31 6.03 13.55
C VAL B 360 -34.21 5.85 12.33
N THR B 361 -34.35 6.91 11.55
CA THR B 361 -35.20 6.88 10.38
C THR B 361 -34.85 5.76 9.44
N ILE B 362 -35.88 5.17 8.85
CA ILE B 362 -35.71 4.07 7.90
C ILE B 362 -37.08 3.80 7.28
N MET B 363 -37.10 3.31 6.04
CA MET B 363 -38.38 3.05 5.36
C MET B 363 -38.48 1.64 4.79
N ASP B 364 -39.64 1.00 4.98
CA ASP B 364 -39.83 -0.34 4.46
C ASP B 364 -40.05 -0.24 2.94
N HIS B 365 -39.63 -1.28 2.22
CA HIS B 365 -39.70 -1.26 0.76
C HIS B 365 -41.09 -1.17 0.17
N HIS B 366 -42.07 -1.62 0.95
CA HIS B 366 -43.47 -1.57 0.52
C HIS B 366 -44.02 -0.15 0.52
N THR B 367 -43.62 0.63 1.52
CA THR B 367 -44.07 2.00 1.63
C THR B 367 -43.25 2.84 0.65
N ALA B 368 -42.00 2.44 0.44
CA ALA B 368 -41.11 3.15 -0.47
C ALA B 368 -41.68 3.04 -1.88
N SER B 369 -42.09 1.84 -2.25
CA SER B 369 -42.68 1.65 -3.56
C SER B 369 -43.91 2.55 -3.68
N GLU B 370 -44.92 2.35 -2.84
CA GLU B 370 -46.11 3.18 -2.92
C GLU B 370 -45.75 4.66 -2.95
N SER B 371 -44.68 5.01 -2.25
CA SER B 371 -44.23 6.40 -2.23
C SER B 371 -43.77 6.86 -3.62
N PHE B 372 -42.86 6.11 -4.23
CA PHE B 372 -42.34 6.45 -5.55
C PHE B 372 -43.43 6.44 -6.61
N MET B 373 -44.37 5.50 -6.45
CA MET B 373 -45.49 5.38 -7.38
C MET B 373 -46.27 6.67 -7.40
N LYS B 374 -46.53 7.22 -6.22
CA LYS B 374 -47.25 8.48 -6.15
C LYS B 374 -46.41 9.57 -6.82
N HIS B 375 -45.19 9.74 -6.35
CA HIS B 375 -44.31 10.75 -6.92
C HIS B 375 -44.32 10.74 -8.43
N MET B 376 -44.39 9.55 -9.02
CA MET B 376 -44.37 9.42 -10.47
C MET B 376 -45.64 9.95 -11.10
N GLN B 377 -46.79 9.62 -10.53
CA GLN B 377 -48.04 10.11 -11.10
C GLN B 377 -48.02 11.64 -11.08
N ASN B 378 -47.48 12.23 -10.01
CA ASN B 378 -47.40 13.69 -9.91
C ASN B 378 -46.42 14.23 -10.94
N GLU B 379 -45.26 13.58 -11.06
CA GLU B 379 -44.20 14.01 -11.97
C GLU B 379 -44.56 13.94 -13.47
N TYR B 380 -45.57 13.15 -13.81
CA TYR B 380 -46.00 13.07 -15.21
C TYR B 380 -46.98 14.21 -15.41
N ARG B 381 -47.91 14.35 -14.46
CA ARG B 381 -48.92 15.42 -14.45
C ARG B 381 -48.22 16.78 -14.39
N ALA B 382 -46.89 16.77 -14.32
CA ALA B 382 -46.10 18.00 -14.28
C ALA B 382 -45.29 18.09 -15.55
N ARG B 383 -43.97 17.98 -15.42
CA ARG B 383 -43.06 18.05 -16.56
C ARG B 383 -43.29 16.96 -17.62
N GLY B 384 -44.43 16.27 -17.51
CA GLY B 384 -44.77 15.22 -18.47
C GLY B 384 -43.66 14.21 -18.65
N GLY B 385 -43.55 13.29 -17.69
CA GLY B 385 -42.51 12.27 -17.76
C GLY B 385 -41.79 12.16 -16.43
N CYS B 386 -40.93 11.16 -16.32
CA CYS B 386 -40.17 10.93 -15.11
C CYS B 386 -39.17 9.84 -15.43
N PRO B 387 -37.92 10.20 -15.62
CA PRO B 387 -36.89 9.21 -15.95
C PRO B 387 -36.71 8.15 -14.85
N ALA B 388 -37.25 6.95 -15.11
CA ALA B 388 -37.20 5.83 -14.16
C ALA B 388 -36.38 4.64 -14.66
N ASP B 389 -35.68 3.97 -13.75
CA ASP B 389 -34.86 2.80 -14.12
C ASP B 389 -35.40 1.55 -13.44
N TRP B 390 -36.33 0.85 -14.08
CA TRP B 390 -36.93 -0.35 -13.51
C TRP B 390 -35.95 -1.23 -12.69
N ILE B 391 -34.86 -1.68 -13.31
CA ILE B 391 -33.86 -2.53 -12.67
C ILE B 391 -33.41 -2.05 -11.28
N TRP B 392 -33.57 -0.76 -11.00
CA TRP B 392 -33.17 -0.18 -9.71
C TRP B 392 -34.30 0.19 -8.77
N LEU B 393 -35.46 0.53 -9.31
CA LEU B 393 -36.58 0.91 -8.47
C LEU B 393 -37.37 -0.27 -7.91
N VAL B 394 -37.04 -1.47 -8.36
CA VAL B 394 -37.73 -2.65 -7.88
C VAL B 394 -36.90 -3.24 -6.75
N PRO B 395 -37.47 -3.35 -5.54
CA PRO B 395 -36.81 -3.89 -4.33
C PRO B 395 -36.16 -5.27 -4.59
N PRO B 396 -34.95 -5.49 -4.02
CA PRO B 396 -34.23 -6.76 -4.19
C PRO B 396 -34.92 -7.99 -3.63
N VAL B 397 -36.15 -7.80 -3.14
CA VAL B 397 -36.97 -8.88 -2.60
C VAL B 397 -38.42 -8.43 -2.65
N SER B 398 -39.32 -9.38 -2.91
CA SER B 398 -40.76 -9.14 -3.02
C SER B 398 -41.01 -8.15 -4.14
N GLY B 399 -40.35 -8.40 -5.26
CA GLY B 399 -40.48 -7.53 -6.41
C GLY B 399 -41.89 -7.28 -6.86
N SER B 400 -42.55 -8.34 -7.37
CA SER B 400 -43.91 -8.25 -7.89
C SER B 400 -44.98 -7.97 -6.84
N ILE B 401 -44.63 -8.11 -5.56
CA ILE B 401 -45.58 -7.82 -4.50
C ILE B 401 -45.56 -6.28 -4.45
N THR B 402 -44.58 -5.72 -5.13
CA THR B 402 -44.41 -4.27 -5.19
C THR B 402 -45.09 -3.62 -6.39
N PRO B 403 -45.65 -2.41 -6.20
CA PRO B 403 -46.34 -1.62 -7.22
C PRO B 403 -45.48 -1.30 -8.43
N VAL B 404 -44.28 -0.75 -8.22
CA VAL B 404 -43.39 -0.39 -9.31
C VAL B 404 -43.04 -1.56 -10.25
N PHE B 405 -42.86 -2.75 -9.71
CA PHE B 405 -42.54 -3.89 -10.54
C PHE B 405 -43.49 -4.00 -11.73
N HIS B 406 -44.75 -3.61 -11.53
CA HIS B 406 -45.78 -3.69 -12.56
C HIS B 406 -46.00 -2.41 -13.36
N GLN B 407 -44.99 -1.56 -13.37
CA GLN B 407 -45.05 -0.28 -14.07
C GLN B 407 -43.96 -0.17 -15.14
N GLU B 408 -44.35 0.07 -16.38
CA GLU B 408 -43.39 0.21 -17.45
C GLU B 408 -42.78 1.60 -17.25
N MET B 409 -41.58 1.83 -17.75
CA MET B 409 -41.00 3.14 -17.56
C MET B 409 -39.85 3.47 -18.50
N LEU B 410 -39.53 4.75 -18.59
CA LEU B 410 -38.46 5.17 -19.48
C LEU B 410 -37.30 5.84 -18.78
N ASN B 411 -36.11 5.37 -19.10
CA ASN B 411 -34.89 5.89 -18.51
C ASN B 411 -34.25 6.76 -19.58
N TYR B 412 -33.77 7.94 -19.19
CA TYR B 412 -33.10 8.87 -20.09
C TYR B 412 -32.41 9.95 -19.30
N VAL B 413 -31.14 10.18 -19.61
CA VAL B 413 -30.32 11.21 -18.94
C VAL B 413 -30.84 12.62 -19.29
N LEU B 414 -30.84 13.53 -18.32
CA LEU B 414 -31.26 14.92 -18.60
C LEU B 414 -30.23 15.83 -17.95
N SER B 415 -30.71 17.00 -17.53
CA SER B 415 -29.85 17.97 -16.87
C SER B 415 -30.63 19.07 -16.16
N PRO B 416 -30.12 19.50 -15.00
CA PRO B 416 -28.87 18.97 -14.43
C PRO B 416 -29.04 17.48 -14.03
N PHE B 417 -27.91 16.78 -13.86
CA PHE B 417 -27.92 15.33 -13.57
C PHE B 417 -26.76 14.87 -12.63
N TYR B 418 -26.92 13.71 -11.97
CA TYR B 418 -25.87 13.17 -11.10
C TYR B 418 -25.15 12.02 -11.85
N TYR B 419 -23.89 12.21 -12.22
CA TYR B 419 -23.14 11.18 -12.96
C TYR B 419 -22.08 10.44 -12.17
N TYR B 420 -21.69 9.27 -12.67
CA TYR B 420 -20.66 8.47 -12.05
C TYR B 420 -19.37 9.12 -12.54
N GLN B 421 -18.24 8.64 -12.05
CA GLN B 421 -16.96 9.19 -12.48
C GLN B 421 -15.95 8.06 -12.55
N ILE B 422 -14.81 8.30 -13.14
CA ILE B 422 -13.81 7.25 -13.20
C ILE B 422 -13.09 7.32 -11.88
N GLU B 423 -12.74 6.18 -11.31
CA GLU B 423 -12.06 6.21 -10.03
C GLU B 423 -10.91 7.18 -10.11
N PRO B 424 -10.78 8.05 -9.10
CA PRO B 424 -9.70 9.03 -9.10
C PRO B 424 -8.32 8.37 -9.02
N TRP B 425 -8.13 7.42 -8.11
CA TRP B 425 -6.83 6.75 -7.94
C TRP B 425 -6.34 6.03 -9.19
N LYS B 426 -7.00 6.27 -10.32
CA LYS B 426 -6.61 5.69 -11.59
C LYS B 426 -6.16 6.83 -12.50
N THR B 427 -6.93 7.90 -12.45
CA THR B 427 -6.69 9.10 -13.25
C THR B 427 -6.16 10.25 -12.41
N HIS B 428 -5.08 10.02 -11.68
CA HIS B 428 -4.52 11.08 -10.85
C HIS B 428 -3.03 11.26 -11.04
N ILE B 429 -2.65 12.51 -11.27
CA ILE B 429 -1.27 12.88 -11.46
C ILE B 429 -0.66 13.23 -10.09
N TRP B 430 0.02 12.24 -9.50
CA TRP B 430 0.66 12.39 -8.19
C TRP B 430 1.86 13.33 -8.22
N GLN B 431 2.66 13.28 -7.15
CA GLN B 431 3.84 14.12 -7.03
C GLN B 431 5.07 13.39 -7.55
#